data_4I7V
#
_entry.id   4I7V
#
_cell.length_a   182.770
_cell.length_b   77.030
_cell.length_c   98.940
_cell.angle_alpha   90.00
_cell.angle_beta   121.16
_cell.angle_gamma   90.00
#
_symmetry.space_group_name_H-M   'C 1 2 1'
#
loop_
_entity.id
_entity.type
_entity.pdbx_description
1 polymer 'Dihydrodipicolinate synthase'
2 water water
#
_entity_poly.entity_id   1
_entity_poly.type   'polypeptide(L)'
_entity_poly.pdbx_seq_one_letter_code
;MAHHHHHHVDDDEKMFKGSIPALITPFTDNGAVDEQAFAAHVEWQIAEGSNGLVPVGTTGESPTLSHDEHKRVVELCIEV
AAKRVPVIAGAGSNNTDEAIELALHAQDAGADALLVVTPYYNKPTQKGLFAHFSAVAEAVKLPIVIYNIPPRSVVDMSPE
TMGALVKAHKNIVGV(KPI)DATGKLDRVSEQRISCGKDFIQLSGEDSTALGFNAHGGVGCISVSANVAPRLCSEFQAAM
LAGDYAKALEYQDRLMPLHRAIFMEPGVCGTKYALSKTRGCNRKVRSPLMSTLEPATEAAIDAALKHAGLMN
;
_entity_poly.pdbx_strand_id   A,B,C,D
#
# COMPACT_ATOMS: atom_id res chain seq x y z
CA MET A 15 -21.37 5.02 29.28
C MET A 15 -20.61 4.05 28.38
N PHE A 16 -19.91 4.60 27.39
CA PHE A 16 -19.25 3.78 26.39
C PHE A 16 -17.75 3.69 26.64
N LYS A 17 -17.36 2.60 27.29
CA LYS A 17 -15.98 2.37 27.69
C LYS A 17 -15.75 0.90 27.93
N GLY A 18 -14.49 0.51 28.04
CA GLY A 18 -14.12 -0.83 28.44
C GLY A 18 -14.13 -1.83 27.31
N SER A 19 -14.45 -3.08 27.64
CA SER A 19 -14.48 -4.17 26.67
C SER A 19 -15.89 -4.40 26.13
N ILE A 20 -16.07 -4.15 24.83
CA ILE A 20 -17.37 -4.14 24.20
C ILE A 20 -17.31 -5.11 23.03
N PRO A 21 -17.80 -6.34 23.21
CA PRO A 21 -17.73 -7.28 22.09
C PRO A 21 -18.57 -6.86 20.87
N ALA A 22 -17.97 -6.97 19.69
CA ALA A 22 -18.73 -7.00 18.44
C ALA A 22 -19.22 -8.43 18.32
N LEU A 23 -20.45 -8.62 18.78
CA LEU A 23 -21.02 -9.97 18.94
C LEU A 23 -21.10 -10.75 17.64
N ILE A 24 -20.66 -11.99 17.67
CA ILE A 24 -20.99 -12.91 16.59
C ILE A 24 -22.51 -13.12 16.50
N THR A 25 -22.97 -13.49 15.31
CA THR A 25 -24.35 -13.96 15.12
C THR A 25 -24.31 -15.46 14.85
N PRO A 26 -24.66 -16.28 15.85
CA PRO A 26 -24.67 -17.72 15.64
C PRO A 26 -25.76 -18.13 14.65
N PHE A 27 -25.45 -19.12 13.83
CA PHE A 27 -26.39 -19.71 12.88
C PHE A 27 -26.64 -21.17 13.21
N THR A 28 -27.78 -21.67 12.77
CA THR A 28 -28.07 -23.11 12.82
C THR A 28 -27.29 -23.80 11.70
N ASP A 29 -27.29 -25.14 11.68
CA ASP A 29 -26.65 -25.89 10.61
C ASP A 29 -27.13 -25.45 9.23
N ASN A 30 -28.42 -25.12 9.13
CA ASN A 30 -29.03 -24.69 7.87
C ASN A 30 -28.88 -23.20 7.55
N GLY A 31 -28.07 -22.51 8.34
CA GLY A 31 -27.73 -21.10 8.07
C GLY A 31 -28.68 -20.05 8.61
N ALA A 32 -29.74 -20.48 9.31
CA ALA A 32 -30.68 -19.54 9.91
C ALA A 32 -30.09 -18.90 11.18
N VAL A 33 -30.47 -17.67 11.48
CA VAL A 33 -30.06 -17.05 12.75
C VAL A 33 -30.53 -17.94 13.90
N ASP A 34 -29.62 -18.29 14.82
CA ASP A 34 -29.97 -19.11 15.97
C ASP A 34 -30.19 -18.18 17.16
N GLU A 35 -31.45 -17.80 17.39
CA GLU A 35 -31.77 -16.82 18.42
C GLU A 35 -31.47 -17.31 19.83
N GLN A 36 -31.69 -18.60 20.07
CA GLN A 36 -31.38 -19.22 21.34
C GLN A 36 -29.88 -19.10 21.66
N ALA A 37 -29.04 -19.45 20.68
CA ALA A 37 -27.59 -19.36 20.88
C ALA A 37 -27.13 -17.92 21.04
N PHE A 38 -27.74 -17.01 20.27
CA PHE A 38 -27.39 -15.60 20.39
C PHE A 38 -27.68 -15.07 21.78
N ALA A 39 -28.89 -15.33 22.28
CA ALA A 39 -29.26 -14.91 23.61
C ALA A 39 -28.32 -15.47 24.69
N ALA A 40 -27.97 -16.75 24.57
CA ALA A 40 -27.05 -17.39 25.52
C ALA A 40 -25.68 -16.72 25.50
N HIS A 41 -25.21 -16.37 24.30
CA HIS A 41 -23.92 -15.71 24.15
C HIS A 41 -23.93 -14.33 24.81
N VAL A 42 -25.00 -13.57 24.59
CA VAL A 42 -25.14 -12.25 25.22
C VAL A 42 -25.18 -12.35 26.76
N GLU A 43 -25.98 -13.29 27.28
CA GLU A 43 -26.08 -13.47 28.72
CA GLU A 43 -26.08 -13.49 28.72
C GLU A 43 -24.71 -13.80 29.32
N TRP A 44 -23.97 -14.67 28.64
CA TRP A 44 -22.63 -15.07 29.10
C TRP A 44 -21.65 -13.89 29.05
N GLN A 45 -21.68 -13.14 27.94
CA GLN A 45 -20.86 -11.94 27.85
C GLN A 45 -21.08 -10.99 29.01
N ILE A 46 -22.35 -10.76 29.35
CA ILE A 46 -22.67 -9.87 30.45
C ILE A 46 -22.15 -10.45 31.79
N ALA A 47 -22.40 -11.73 32.00
CA ALA A 47 -21.95 -12.42 33.22
C ALA A 47 -20.43 -12.36 33.41
N GLU A 48 -19.70 -12.42 32.30
CA GLU A 48 -18.24 -12.47 32.32
C GLU A 48 -17.58 -11.10 32.42
N GLY A 49 -18.39 -10.04 32.36
CA GLY A 49 -17.90 -8.68 32.60
C GLY A 49 -17.77 -7.75 31.41
N SER A 50 -18.31 -8.13 30.26
CA SER A 50 -18.32 -7.19 29.14
C SER A 50 -19.09 -5.92 29.48
N ASN A 51 -18.58 -4.78 29.01
CA ASN A 51 -19.07 -3.47 29.45
C ASN A 51 -20.10 -2.84 28.53
N GLY A 52 -20.38 -3.51 27.42
CA GLY A 52 -21.32 -3.04 26.41
C GLY A 52 -21.42 -4.10 25.34
N LEU A 53 -22.32 -3.89 24.37
CA LEU A 53 -22.60 -4.92 23.37
C LEU A 53 -22.81 -4.26 22.01
N VAL A 54 -22.15 -4.78 20.98
CA VAL A 54 -22.41 -4.36 19.61
C VAL A 54 -23.01 -5.53 18.82
N PRO A 55 -24.35 -5.54 18.66
CA PRO A 55 -24.97 -6.51 17.78
C PRO A 55 -24.87 -6.06 16.33
N VAL A 56 -24.73 -7.04 15.44
N VAL A 56 -24.75 -7.01 15.43
CA VAL A 56 -24.70 -6.87 13.98
CA VAL A 56 -24.76 -6.77 13.98
C VAL A 56 -23.72 -5.83 13.46
C VAL A 56 -23.74 -5.71 13.53
N GLY A 57 -22.52 -5.86 14.03
CA GLY A 57 -21.37 -5.19 13.42
C GLY A 57 -20.79 -6.13 12.36
N THR A 58 -19.55 -5.88 11.96
CA THR A 58 -18.90 -6.70 10.95
C THR A 58 -18.76 -8.14 11.45
N THR A 59 -18.35 -8.27 12.71
CA THR A 59 -18.16 -9.58 13.34
C THR A 59 -19.48 -10.34 13.49
N GLY A 60 -20.59 -9.59 13.55
CA GLY A 60 -21.93 -10.19 13.56
C GLY A 60 -22.45 -10.56 12.18
N GLU A 61 -21.55 -10.49 11.18
CA GLU A 61 -21.89 -10.85 9.80
C GLU A 61 -23.03 -9.99 9.23
N SER A 62 -23.02 -8.71 9.58
CA SER A 62 -23.97 -7.76 9.01
CA SER A 62 -23.97 -7.76 9.01
C SER A 62 -24.06 -7.86 7.47
N PRO A 63 -22.92 -8.09 6.77
CA PRO A 63 -23.07 -8.12 5.30
C PRO A 63 -24.00 -9.20 4.75
N THR A 64 -24.15 -10.31 5.48
CA THR A 64 -24.94 -11.44 4.96
C THR A 64 -26.27 -11.62 5.67
N LEU A 65 -26.61 -10.71 6.58
CA LEU A 65 -27.93 -10.70 7.20
C LEU A 65 -28.90 -9.90 6.33
N SER A 66 -30.12 -10.41 6.22
CA SER A 66 -31.18 -9.63 5.60
C SER A 66 -31.58 -8.46 6.49
N HIS A 67 -32.35 -7.55 5.91
CA HIS A 67 -32.93 -6.43 6.65
CA HIS A 67 -32.93 -6.44 6.64
C HIS A 67 -33.71 -6.93 7.86
N ASP A 68 -34.54 -7.95 7.65
CA ASP A 68 -35.34 -8.54 8.71
C ASP A 68 -34.45 -9.10 9.82
N GLU A 69 -33.42 -9.84 9.43
CA GLU A 69 -32.52 -10.48 10.38
C GLU A 69 -31.75 -9.46 11.20
N HIS A 70 -31.21 -8.44 10.51
CA HIS A 70 -30.54 -7.33 11.18
C HIS A 70 -31.41 -6.75 12.29
N LYS A 71 -32.63 -6.37 11.91
CA LYS A 71 -33.57 -5.78 12.84
C LYS A 71 -33.92 -6.69 14.01
N ARG A 72 -34.20 -7.96 13.72
CA ARG A 72 -34.54 -8.94 14.77
C ARG A 72 -33.39 -9.18 15.76
N VAL A 73 -32.15 -9.22 15.25
CA VAL A 73 -31.00 -9.47 16.13
C VAL A 73 -30.75 -8.25 17.03
N VAL A 74 -30.89 -7.04 16.47
CA VAL A 74 -30.79 -5.82 17.28
C VAL A 74 -31.86 -5.83 18.37
N GLU A 75 -33.09 -6.18 18.02
CA GLU A 75 -34.18 -6.23 19.00
C GLU A 75 -33.89 -7.26 20.09
N LEU A 76 -33.43 -8.44 19.69
CA LEU A 76 -33.13 -9.50 20.64
C LEU A 76 -32.01 -9.09 21.60
N CYS A 77 -30.97 -8.45 21.08
CA CYS A 77 -29.87 -8.00 21.91
C CYS A 77 -30.35 -7.02 22.98
N ILE A 78 -31.20 -6.09 22.58
CA ILE A 78 -31.78 -5.10 23.48
C ILE A 78 -32.63 -5.77 24.57
N GLU A 79 -33.44 -6.74 24.17
CA GLU A 79 -34.29 -7.49 25.10
C GLU A 79 -33.45 -8.23 26.16
N VAL A 80 -32.44 -8.94 25.70
CA VAL A 80 -31.62 -9.76 26.58
C VAL A 80 -30.77 -8.89 27.51
N ALA A 81 -30.18 -7.83 26.97
CA ALA A 81 -29.36 -6.94 27.78
C ALA A 81 -30.15 -6.34 28.95
N ALA A 82 -31.42 -6.02 28.69
CA ALA A 82 -32.33 -5.49 29.71
C ALA A 82 -31.68 -4.33 30.49
N LYS A 83 -31.05 -3.42 29.75
CA LYS A 83 -30.46 -2.18 30.27
C LYS A 83 -29.26 -2.37 31.21
N ARG A 84 -28.73 -3.59 31.29
CA ARG A 84 -27.60 -3.87 32.19
C ARG A 84 -26.29 -3.27 31.70
N VAL A 85 -26.08 -3.28 30.38
CA VAL A 85 -24.94 -2.64 29.73
C VAL A 85 -25.47 -1.97 28.47
N PRO A 86 -24.77 -0.93 27.97
CA PRO A 86 -25.26 -0.26 26.75
C PRO A 86 -25.21 -1.15 25.52
N VAL A 87 -26.24 -1.02 24.68
CA VAL A 87 -26.29 -1.70 23.40
C VAL A 87 -26.01 -0.66 22.32
N ILE A 88 -24.89 -0.85 21.62
CA ILE A 88 -24.45 0.04 20.55
C ILE A 88 -24.73 -0.70 19.25
N ALA A 89 -25.87 -0.41 18.63
CA ALA A 89 -26.35 -1.21 17.49
C ALA A 89 -25.62 -0.90 16.21
N GLY A 90 -25.21 -1.94 15.49
CA GLY A 90 -24.69 -1.75 14.13
C GLY A 90 -25.79 -1.13 13.26
N ALA A 91 -25.45 -0.05 12.55
CA ALA A 91 -26.42 0.58 11.63
C ALA A 91 -25.72 1.03 10.35
N GLY A 92 -24.74 0.25 9.92
CA GLY A 92 -23.89 0.64 8.79
C GLY A 92 -24.43 0.28 7.40
N SER A 93 -24.15 1.16 6.46
CA SER A 93 -24.39 0.91 5.04
C SER A 93 -23.57 1.87 4.21
N ASN A 94 -23.28 1.47 2.98
CA ASN A 94 -22.67 2.41 2.02
C ASN A 94 -23.72 3.23 1.26
N ASN A 95 -24.99 3.06 1.65
CA ASN A 95 -26.12 3.76 1.08
C ASN A 95 -26.70 4.61 2.22
N THR A 96 -26.61 5.93 2.10
CA THR A 96 -27.03 6.81 3.20
C THR A 96 -28.48 6.59 3.60
N ASP A 97 -29.37 6.46 2.62
CA ASP A 97 -30.78 6.25 2.93
C ASP A 97 -30.99 4.96 3.73
N GLU A 98 -30.24 3.92 3.41
CA GLU A 98 -30.32 2.64 4.13
C GLU A 98 -29.79 2.80 5.56
N ALA A 99 -28.67 3.49 5.71
CA ALA A 99 -28.11 3.76 7.04
C ALA A 99 -29.13 4.49 7.90
N ILE A 100 -29.82 5.48 7.32
CA ILE A 100 -30.85 6.22 8.06
C ILE A 100 -32.00 5.29 8.48
N GLU A 101 -32.47 4.44 7.58
CA GLU A 101 -33.51 3.47 7.94
C GLU A 101 -33.08 2.58 9.11
N LEU A 102 -31.86 2.06 9.06
CA LEU A 102 -31.35 1.20 10.13
C LEU A 102 -31.19 1.96 11.44
N ALA A 103 -30.74 3.21 11.34
CA ALA A 103 -30.60 4.07 12.52
C ALA A 103 -31.95 4.36 13.19
N LEU A 104 -32.95 4.69 12.37
CA LEU A 104 -34.28 4.99 12.90
C LEU A 104 -34.88 3.74 13.55
N HIS A 105 -34.65 2.57 12.94
CA HIS A 105 -35.10 1.33 13.56
C HIS A 105 -34.43 1.06 14.91
N ALA A 106 -33.11 1.18 14.95
CA ALA A 106 -32.38 0.82 16.16
C ALA A 106 -32.75 1.78 17.30
N GLN A 107 -32.95 3.06 16.99
CA GLN A 107 -33.40 4.00 18.00
C GLN A 107 -34.78 3.61 18.52
N ASP A 108 -35.70 3.33 17.59
CA ASP A 108 -37.05 2.90 17.97
C ASP A 108 -37.04 1.63 18.82
N ALA A 109 -36.11 0.72 18.51
CA ALA A 109 -36.02 -0.57 19.21
C ALA A 109 -35.49 -0.42 20.63
N GLY A 110 -34.84 0.71 20.91
CA GLY A 110 -34.32 0.99 22.24
C GLY A 110 -32.81 0.86 22.39
N ALA A 111 -32.06 0.95 21.29
CA ALA A 111 -30.60 0.94 21.38
C ALA A 111 -30.12 2.17 22.13
N ASP A 112 -28.94 2.08 22.72
CA ASP A 112 -28.34 3.19 23.46
C ASP A 112 -27.44 4.07 22.62
N ALA A 113 -26.95 3.52 21.51
CA ALA A 113 -26.09 4.23 20.60
C ALA A 113 -26.05 3.47 19.29
N LEU A 114 -25.44 4.07 18.28
CA LEU A 114 -25.29 3.46 16.97
C LEU A 114 -23.83 3.38 16.58
N LEU A 115 -23.45 2.26 15.95
CA LEU A 115 -22.14 2.11 15.34
C LEU A 115 -22.32 2.22 13.83
N VAL A 116 -21.71 3.24 13.24
CA VAL A 116 -21.97 3.59 11.83
C VAL A 116 -20.66 3.57 11.02
N VAL A 117 -20.55 2.59 10.15
CA VAL A 117 -19.34 2.40 9.36
C VAL A 117 -19.18 3.45 8.25
N THR A 118 -17.94 3.77 7.92
CA THR A 118 -17.68 4.57 6.74
C THR A 118 -18.15 3.76 5.51
N PRO A 119 -18.84 4.43 4.56
CA PRO A 119 -19.26 3.73 3.36
C PRO A 119 -18.10 3.04 2.67
N TYR A 120 -18.32 1.77 2.36
CA TYR A 120 -17.37 0.87 1.72
C TYR A 120 -17.77 0.73 0.26
N TYR A 121 -16.81 0.30 -0.55
CA TYR A 121 -17.00 -0.02 -1.97
C TYR A 121 -17.14 1.20 -2.90
N ASN A 122 -18.07 2.11 -2.61
CA ASN A 122 -18.32 3.26 -3.50
C ASN A 122 -17.35 4.43 -3.39
N LYS A 123 -16.47 4.39 -2.38
CA LYS A 123 -15.37 5.33 -2.22
C LYS A 123 -15.74 6.80 -2.34
N PRO A 124 -16.57 7.29 -1.39
CA PRO A 124 -16.88 8.72 -1.38
C PRO A 124 -15.68 9.59 -1.00
N THR A 125 -15.83 10.89 -1.29
CA THR A 125 -14.84 11.89 -0.89
C THR A 125 -15.00 12.21 0.59
N GLN A 126 -14.07 12.99 1.15
CA GLN A 126 -14.23 13.47 2.52
C GLN A 126 -15.54 14.23 2.70
N LYS A 127 -15.93 15.03 1.72
CA LYS A 127 -17.19 15.77 1.77
C LYS A 127 -18.38 14.81 1.72
N GLY A 128 -18.25 13.72 0.98
CA GLY A 128 -19.27 12.68 0.97
C GLY A 128 -19.40 11.99 2.31
N LEU A 129 -18.26 11.73 2.95
CA LEU A 129 -18.28 11.17 4.29
C LEU A 129 -18.97 12.12 5.27
N PHE A 130 -18.64 13.40 5.17
CA PHE A 130 -19.28 14.39 6.04
C PHE A 130 -20.79 14.38 5.81
N ALA A 131 -21.21 14.38 4.55
CA ALA A 131 -22.64 14.40 4.24
C ALA A 131 -23.36 13.16 4.78
N HIS A 132 -22.73 11.99 4.61
CA HIS A 132 -23.32 10.73 5.05
C HIS A 132 -23.55 10.73 6.56
N PHE A 133 -22.50 11.03 7.32
CA PHE A 133 -22.61 11.00 8.78
C PHE A 133 -23.48 12.13 9.31
N SER A 134 -23.47 13.29 8.65
CA SER A 134 -24.33 14.38 9.04
CA SER A 134 -24.35 14.39 9.03
C SER A 134 -25.81 13.98 8.88
N ALA A 135 -26.14 13.33 7.78
CA ALA A 135 -27.52 12.89 7.54
C ALA A 135 -28.00 11.87 8.58
N VAL A 136 -27.14 10.92 8.92
CA VAL A 136 -27.50 9.94 9.95
C VAL A 136 -27.67 10.65 11.30
N ALA A 137 -26.71 11.52 11.66
CA ALA A 137 -26.77 12.22 12.95
C ALA A 137 -28.00 13.11 13.08
N GLU A 138 -28.39 13.77 11.99
CA GLU A 138 -29.57 14.63 11.99
CA GLU A 138 -29.56 14.64 12.00
C GLU A 138 -30.85 13.84 12.21
N ALA A 139 -30.88 12.60 11.73
CA ALA A 139 -32.09 11.76 11.75
C ALA A 139 -32.46 11.19 13.12
N VAL A 140 -31.45 11.02 13.98
CA VAL A 140 -31.68 10.42 15.30
C VAL A 140 -31.16 11.29 16.43
N LYS A 141 -31.62 11.01 17.63
CA LYS A 141 -31.13 11.71 18.80
C LYS A 141 -30.03 10.92 19.51
N LEU A 142 -29.93 9.63 19.20
CA LEU A 142 -28.96 8.73 19.81
C LEU A 142 -27.52 9.14 19.55
N PRO A 143 -26.62 8.84 20.51
CA PRO A 143 -25.19 8.98 20.25
C PRO A 143 -24.73 8.05 19.13
N ILE A 144 -23.81 8.56 18.33
CA ILE A 144 -23.25 7.86 17.18
C ILE A 144 -21.75 7.69 17.35
N VAL A 145 -21.29 6.46 17.13
CA VAL A 145 -19.88 6.11 17.07
C VAL A 145 -19.53 5.85 15.61
N ILE A 146 -18.64 6.68 15.06
CA ILE A 146 -18.10 6.51 13.71
C ILE A 146 -17.18 5.30 13.69
N TYR A 147 -17.37 4.43 12.71
N TYR A 147 -17.43 4.37 12.78
CA TYR A 147 -16.57 3.22 12.58
CA TYR A 147 -16.53 3.22 12.59
C TYR A 147 -15.64 3.41 11.37
C TYR A 147 -15.66 3.48 11.37
N ASN A 148 -14.42 3.87 11.65
CA ASN A 148 -13.44 4.20 10.59
C ASN A 148 -12.52 3.00 10.36
N ILE A 149 -12.69 2.35 9.22
CA ILE A 149 -11.98 1.09 8.95
C ILE A 149 -11.44 1.02 7.51
N PRO A 150 -10.36 1.77 7.25
CA PRO A 150 -9.77 1.76 5.91
C PRO A 150 -9.41 0.37 5.36
N PRO A 151 -8.93 -0.57 6.21
CA PRO A 151 -8.67 -1.93 5.65
C PRO A 151 -9.88 -2.62 5.01
N ARG A 152 -11.10 -2.21 5.35
CA ARG A 152 -12.30 -2.76 4.73
C ARG A 152 -12.99 -1.78 3.77
N SER A 153 -13.06 -0.51 4.17
CA SER A 153 -13.83 0.48 3.40
C SER A 153 -12.99 1.23 2.38
N VAL A 154 -11.66 1.09 2.47
CA VAL A 154 -10.68 1.75 1.60
C VAL A 154 -10.53 3.24 1.90
N VAL A 155 -11.64 3.97 1.85
CA VAL A 155 -11.61 5.38 2.27
C VAL A 155 -11.27 5.46 3.76
N ASP A 156 -10.81 6.63 4.18
CA ASP A 156 -10.29 6.84 5.51
C ASP A 156 -10.76 8.21 5.96
N MET A 157 -11.64 8.26 6.96
CA MET A 157 -12.07 9.57 7.48
C MET A 157 -10.90 10.26 8.17
N SER A 158 -10.55 11.44 7.66
CA SER A 158 -9.44 12.19 8.27
C SER A 158 -9.81 12.77 9.63
N PRO A 159 -8.80 13.07 10.46
CA PRO A 159 -9.09 13.73 11.72
C PRO A 159 -9.80 15.07 11.51
N GLU A 160 -9.51 15.75 10.40
CA GLU A 160 -10.15 17.01 10.08
CA GLU A 160 -10.17 17.03 10.08
C GLU A 160 -11.66 16.83 9.82
N THR A 161 -12.01 15.83 9.01
CA THR A 161 -13.41 15.53 8.73
C THR A 161 -14.14 15.09 10.00
N MET A 162 -13.48 14.25 10.79
CA MET A 162 -14.06 13.77 12.04
C MET A 162 -14.33 14.95 12.98
N GLY A 163 -13.34 15.84 13.08
CA GLY A 163 -13.48 17.05 13.92
C GLY A 163 -14.62 17.95 13.47
N ALA A 164 -14.79 18.06 12.17
CA ALA A 164 -15.88 18.88 11.61
C ALA A 164 -17.24 18.27 11.95
N LEU A 165 -17.34 16.95 11.91
CA LEU A 165 -18.57 16.26 12.26
C LEU A 165 -18.93 16.43 13.74
N VAL A 166 -17.92 16.34 14.59
CA VAL A 166 -18.08 16.50 16.04
C VAL A 166 -18.59 17.91 16.36
N LYS A 167 -18.02 18.91 15.67
CA LYS A 167 -18.45 20.30 15.85
C LYS A 167 -19.89 20.54 15.37
N ALA A 168 -20.27 19.87 14.28
CA ALA A 168 -21.58 20.11 13.66
C ALA A 168 -22.71 19.35 14.34
N HIS A 169 -22.39 18.25 15.00
CA HIS A 169 -23.39 17.35 15.57
C HIS A 169 -23.02 16.88 16.95
N LYS A 170 -23.76 17.36 17.93
CA LYS A 170 -23.55 17.04 19.34
C LYS A 170 -23.62 15.54 19.62
N ASN A 171 -24.42 14.82 18.83
CA ASN A 171 -24.60 13.39 19.03
C ASN A 171 -23.56 12.52 18.32
N ILE A 172 -22.60 13.12 17.62
CA ILE A 172 -21.46 12.35 17.14
C ILE A 172 -20.42 12.36 18.26
N VAL A 173 -20.34 11.25 18.98
CA VAL A 173 -19.66 11.22 20.29
C VAL A 173 -18.35 10.45 20.34
N GLY A 174 -18.08 9.64 19.33
CA GLY A 174 -16.89 8.79 19.41
C GLY A 174 -16.56 8.09 18.12
N VAL A 175 -15.50 7.28 18.18
CA VAL A 175 -14.99 6.55 17.04
C VAL A 175 -14.57 5.13 17.45
N ASP A 177 -11.99 3.07 16.02
CA ASP A 177 -10.87 3.43 15.13
C ASP A 177 -10.09 2.16 14.78
N ALA A 178 -10.29 1.69 13.55
CA ALA A 178 -9.61 0.49 13.04
C ALA A 178 -8.56 0.84 11.99
N THR A 179 -7.96 2.03 12.13
CA THR A 179 -6.88 2.41 11.23
C THR A 179 -5.59 1.63 11.51
N GLY A 180 -5.39 1.26 12.79
CA GLY A 180 -4.14 0.63 13.22
C GLY A 180 -2.98 1.62 13.28
N LYS A 181 -3.29 2.91 13.22
CA LYS A 181 -2.28 3.97 13.26
C LYS A 181 -2.49 4.73 14.55
N LEU A 182 -1.67 4.48 15.55
CA LEU A 182 -1.98 4.97 16.89
C LEU A 182 -1.80 6.47 17.03
N ASP A 183 -0.98 7.06 16.15
CA ASP A 183 -0.84 8.52 16.07
C ASP A 183 -2.19 9.16 15.72
N ARG A 184 -3.08 8.42 15.07
CA ARG A 184 -4.40 8.94 14.74
CA ARG A 184 -4.42 8.93 14.75
C ARG A 184 -5.21 9.24 16.01
N VAL A 185 -5.01 8.45 17.07
CA VAL A 185 -5.68 8.74 18.35
C VAL A 185 -5.27 10.12 18.83
N SER A 186 -3.96 10.38 18.79
CA SER A 186 -3.44 11.69 19.18
C SER A 186 -3.97 12.81 18.28
N GLU A 187 -4.04 12.56 16.98
CA GLU A 187 -4.61 13.53 16.04
C GLU A 187 -6.08 13.78 16.29
N GLN A 188 -6.81 12.72 16.62
CA GLN A 188 -8.24 12.84 16.91
C GLN A 188 -8.51 13.56 18.24
N ARG A 189 -7.59 13.44 19.19
CA ARG A 189 -7.67 14.23 20.42
C ARG A 189 -7.58 15.71 20.11
N ILE A 190 -6.71 16.07 19.17
CA ILE A 190 -6.57 17.46 18.75
C ILE A 190 -7.83 17.97 18.03
N SER A 191 -8.31 17.21 17.05
CA SER A 191 -9.38 17.70 16.19
C SER A 191 -10.77 17.57 16.82
N CYS A 192 -10.95 16.56 17.67
CA CYS A 192 -12.27 16.23 18.24
C CYS A 192 -12.37 16.52 19.73
N GLY A 193 -11.24 16.74 20.39
CA GLY A 193 -11.22 17.03 21.81
C GLY A 193 -10.88 15.82 22.65
N LYS A 194 -10.47 16.08 23.89
CA LYS A 194 -10.09 15.02 24.82
CA LYS A 194 -10.09 15.03 24.83
C LYS A 194 -11.29 14.22 25.31
N ASP A 195 -12.49 14.81 25.20
CA ASP A 195 -13.72 14.13 25.65
CA ASP A 195 -13.72 14.13 25.65
C ASP A 195 -14.36 13.26 24.57
N PHE A 196 -13.83 13.32 23.34
CA PHE A 196 -14.31 12.46 22.26
C PHE A 196 -13.98 11.03 22.65
N ILE A 197 -14.95 10.13 22.51
CA ILE A 197 -14.80 8.76 23.01
C ILE A 197 -14.10 7.90 21.94
N GLN A 198 -12.85 7.52 22.19
CA GLN A 198 -12.11 6.74 21.22
C GLN A 198 -12.00 5.30 21.67
N LEU A 199 -12.47 4.38 20.83
CA LEU A 199 -12.49 2.94 21.12
C LEU A 199 -11.69 2.23 20.06
N SER A 200 -10.82 1.32 20.48
CA SER A 200 -10.02 0.61 19.48
C SER A 200 -10.89 -0.29 18.62
N GLY A 201 -10.61 -0.30 17.33
CA GLY A 201 -11.24 -1.26 16.40
C GLY A 201 -10.34 -2.44 16.11
N GLU A 202 -9.21 -2.52 16.82
CA GLU A 202 -8.27 -3.63 16.67
C GLU A 202 -7.88 -4.19 18.03
N ASP A 203 -8.06 -5.49 18.20
CA ASP A 203 -7.72 -6.14 19.47
C ASP A 203 -6.24 -6.13 19.79
N SER A 204 -5.40 -6.37 18.80
CA SER A 204 -3.97 -6.54 19.05
C SER A 204 -3.25 -5.27 19.47
N THR A 205 -3.86 -4.11 19.20
CA THR A 205 -3.27 -2.80 19.54
C THR A 205 -4.15 -1.98 20.48
N ALA A 206 -5.15 -2.63 21.06
CA ALA A 206 -5.98 -2.02 22.11
C ALA A 206 -5.15 -1.47 23.28
N LEU A 207 -4.03 -2.14 23.58
CA LEU A 207 -3.12 -1.71 24.63
C LEU A 207 -2.52 -0.32 24.34
N GLY A 208 -1.82 -0.19 23.22
CA GLY A 208 -1.27 1.10 22.84
C GLY A 208 -2.33 2.15 22.58
N PHE A 209 -3.46 1.71 22.05
CA PHE A 209 -4.57 2.61 21.76
C PHE A 209 -5.05 3.36 23.00
N ASN A 210 -5.23 2.64 24.11
CA ASN A 210 -5.62 3.33 25.33
C ASN A 210 -4.51 4.19 25.91
N ALA A 211 -3.25 3.75 25.75
CA ALA A 211 -2.12 4.60 26.19
C ALA A 211 -2.18 5.98 25.51
N HIS A 212 -2.63 6.00 24.25
CA HIS A 212 -2.76 7.24 23.50
C HIS A 212 -4.02 8.06 23.83
N GLY A 213 -4.90 7.52 24.69
CA GLY A 213 -6.10 8.24 25.06
C GLY A 213 -7.40 7.49 24.84
N GLY A 214 -7.33 6.31 24.23
CA GLY A 214 -8.52 5.47 24.12
C GLY A 214 -9.10 5.08 25.46
N VAL A 215 -10.39 4.77 25.47
CA VAL A 215 -11.09 4.39 26.71
C VAL A 215 -11.79 3.04 26.60
N GLY A 216 -11.44 2.26 25.58
CA GLY A 216 -12.07 0.96 25.41
C GLY A 216 -11.76 0.38 24.05
N CYS A 217 -12.36 -0.78 23.78
CA CYS A 217 -12.18 -1.49 22.52
C CYS A 217 -13.49 -2.17 22.14
N ILE A 218 -13.93 -1.96 20.90
CA ILE A 218 -15.01 -2.76 20.34
C ILE A 218 -14.31 -3.95 19.69
N SER A 219 -14.52 -5.10 20.31
CA SER A 219 -13.59 -6.21 20.29
C SER A 219 -14.11 -7.49 19.62
N VAL A 220 -13.25 -8.12 18.84
CA VAL A 220 -13.57 -9.45 18.31
C VAL A 220 -13.20 -10.52 19.34
N SER A 221 -12.00 -10.41 19.89
CA SER A 221 -11.50 -11.38 20.88
C SER A 221 -12.37 -11.53 22.12
N ALA A 222 -13.06 -10.46 22.52
CA ALA A 222 -13.95 -10.53 23.68
C ALA A 222 -15.07 -11.57 23.50
N ASN A 223 -15.42 -11.90 22.26
CA ASN A 223 -16.36 -13.01 22.03
C ASN A 223 -15.87 -14.32 22.64
N VAL A 224 -14.55 -14.52 22.62
CA VAL A 224 -13.93 -15.78 23.09
C VAL A 224 -13.49 -15.69 24.56
N ALA A 225 -12.92 -14.55 24.94
CA ALA A 225 -12.32 -14.38 26.28
C ALA A 225 -12.88 -13.13 26.95
N PRO A 226 -14.19 -13.12 27.26
CA PRO A 226 -14.77 -11.86 27.73
C PRO A 226 -14.24 -11.41 29.10
N ARG A 227 -13.98 -12.35 30.00
CA ARG A 227 -13.47 -11.97 31.32
C ARG A 227 -12.07 -11.39 31.23
N LEU A 228 -11.15 -12.10 30.55
CA LEU A 228 -9.80 -11.59 30.39
C LEU A 228 -9.77 -10.25 29.69
N CYS A 229 -10.57 -10.10 28.62
CA CYS A 229 -10.60 -8.81 27.90
C CYS A 229 -11.14 -7.68 28.78
N SER A 230 -12.14 -7.98 29.61
CA SER A 230 -12.72 -7.00 30.52
CA SER A 230 -12.71 -6.97 30.49
C SER A 230 -11.72 -6.59 31.60
N GLU A 231 -10.96 -7.56 32.11
CA GLU A 231 -9.95 -7.29 33.13
C GLU A 231 -8.78 -6.50 32.56
N PHE A 232 -8.40 -6.82 31.33
CA PHE A 232 -7.40 -6.09 30.57
C PHE A 232 -7.80 -4.61 30.44
N GLN A 233 -9.03 -4.37 30.02
CA GLN A 233 -9.52 -3.00 29.90
C GLN A 233 -9.59 -2.29 31.23
N ALA A 234 -10.04 -2.99 32.27
CA ALA A 234 -10.12 -2.39 33.60
C ALA A 234 -8.73 -1.98 34.11
N ALA A 235 -7.72 -2.79 33.83
CA ALA A 235 -6.35 -2.44 34.24
C ALA A 235 -5.91 -1.12 33.60
N MET A 236 -6.20 -0.94 32.31
CA MET A 236 -5.84 0.30 31.63
C MET A 236 -6.63 1.51 32.16
N LEU A 237 -7.91 1.34 32.44
CA LEU A 237 -8.75 2.40 33.03
CA LEU A 237 -8.72 2.43 33.00
C LEU A 237 -8.15 2.85 34.36
N ALA A 238 -7.60 1.90 35.11
CA ALA A 238 -7.00 2.16 36.42
C ALA A 238 -5.59 2.73 36.30
N GLY A 239 -5.06 2.79 35.09
CA GLY A 239 -3.69 3.28 34.86
C GLY A 239 -2.60 2.24 35.10
N ASP A 240 -3.00 0.99 35.30
CA ASP A 240 -2.05 -0.08 35.57
C ASP A 240 -1.60 -0.73 34.27
N TYR A 241 -0.71 -0.04 33.55
CA TYR A 241 -0.23 -0.54 32.28
C TYR A 241 0.71 -1.74 32.36
N ALA A 242 1.39 -1.90 33.50
CA ALA A 242 2.21 -3.09 33.69
C ALA A 242 1.32 -4.34 33.75
N LYS A 243 0.20 -4.24 34.47
CA LYS A 243 -0.77 -5.33 34.53
C LYS A 243 -1.41 -5.54 33.15
N ALA A 244 -1.72 -4.45 32.45
CA ALA A 244 -2.33 -4.56 31.13
C ALA A 244 -1.43 -5.33 30.19
N LEU A 245 -0.12 -5.09 30.29
CA LEU A 245 0.87 -5.82 29.49
C LEU A 245 0.89 -7.34 29.80
N GLU A 246 0.67 -7.70 31.06
CA GLU A 246 0.56 -9.11 31.46
CA GLU A 246 0.58 -9.12 31.42
C GLU A 246 -0.64 -9.77 30.77
N TYR A 247 -1.75 -9.02 30.66
CA TYR A 247 -2.91 -9.54 29.93
C TYR A 247 -2.60 -9.68 28.43
N GLN A 248 -1.90 -8.70 27.86
CA GLN A 248 -1.45 -8.80 26.48
C GLN A 248 -0.59 -10.03 26.26
N ASP A 249 0.28 -10.35 27.23
CA ASP A 249 1.10 -11.55 27.13
C ASP A 249 0.21 -12.79 27.04
N ARG A 250 -0.88 -12.78 27.81
CA ARG A 250 -1.79 -13.93 27.88
CA ARG A 250 -1.81 -13.91 27.88
C ARG A 250 -2.70 -14.03 26.64
N LEU A 251 -3.03 -12.89 26.04
CA LEU A 251 -4.04 -12.83 24.98
C LEU A 251 -3.49 -12.69 23.55
N MET A 252 -2.28 -12.19 23.41
CA MET A 252 -1.76 -11.88 22.07
C MET A 252 -1.79 -13.07 21.10
N PRO A 253 -1.40 -14.28 21.56
CA PRO A 253 -1.49 -15.39 20.62
C PRO A 253 -2.91 -15.61 20.09
N LEU A 254 -3.92 -15.37 20.93
CA LEU A 254 -5.32 -15.49 20.49
C LEU A 254 -5.72 -14.37 19.53
N HIS A 255 -5.32 -13.14 19.85
CA HIS A 255 -5.58 -12.01 18.95
C HIS A 255 -5.04 -12.32 17.56
N ARG A 256 -3.82 -12.86 17.50
CA ARG A 256 -3.20 -13.18 16.22
C ARG A 256 -3.89 -14.35 15.53
N ALA A 257 -4.14 -15.43 16.27
CA ALA A 257 -4.62 -16.65 15.66
C ALA A 257 -6.04 -16.50 15.07
N ILE A 258 -6.90 -15.75 15.76
CA ILE A 258 -8.26 -15.64 15.24
CA ILE A 258 -8.28 -15.47 15.33
C ILE A 258 -8.34 -14.85 13.93
N PHE A 259 -7.29 -14.10 13.61
CA PHE A 259 -7.23 -13.32 12.37
C PHE A 259 -6.30 -13.86 11.29
N MET A 260 -5.78 -15.07 11.45
CA MET A 260 -5.00 -15.70 10.38
C MET A 260 -5.85 -15.83 9.11
N GLU A 261 -7.10 -16.22 9.33
CA GLU A 261 -8.16 -16.20 8.33
C GLU A 261 -9.21 -15.22 8.86
N PRO A 262 -10.36 -15.03 8.16
CA PRO A 262 -11.28 -14.01 8.66
C PRO A 262 -11.65 -14.17 10.14
N GLY A 263 -11.66 -13.06 10.87
CA GLY A 263 -11.91 -13.03 12.31
C GLY A 263 -13.22 -13.70 12.73
N VAL A 264 -14.26 -13.55 11.91
CA VAL A 264 -15.53 -14.20 12.21
C VAL A 264 -15.34 -15.72 12.29
N CYS A 265 -14.58 -16.25 11.35
CA CYS A 265 -14.39 -17.68 11.25
C CYS A 265 -13.47 -18.20 12.35
N GLY A 266 -12.41 -17.44 12.64
CA GLY A 266 -11.50 -17.81 13.73
C GLY A 266 -12.21 -17.79 15.06
N THR A 267 -13.06 -16.78 15.27
CA THR A 267 -13.82 -16.64 16.51
C THR A 267 -14.82 -17.78 16.69
N LYS A 268 -15.58 -18.08 15.64
CA LYS A 268 -16.53 -19.17 15.71
C LYS A 268 -15.87 -20.53 15.88
N TYR A 269 -14.68 -20.72 15.31
CA TYR A 269 -13.94 -21.94 15.58
C TYR A 269 -13.53 -22.01 17.05
N ALA A 270 -13.01 -20.91 17.57
CA ALA A 270 -12.58 -20.88 18.98
C ALA A 270 -13.75 -21.23 19.89
N LEU A 271 -14.92 -20.64 19.63
CA LEU A 271 -16.11 -20.90 20.45
C LEU A 271 -16.67 -22.29 20.25
N SER A 272 -16.44 -22.89 19.09
CA SER A 272 -16.84 -24.28 18.90
C SER A 272 -16.05 -25.19 19.84
N LYS A 273 -14.79 -24.83 20.09
CA LYS A 273 -13.91 -25.60 20.99
C LYS A 273 -14.23 -25.38 22.46
N THR A 274 -14.44 -24.13 22.85
CA THR A 274 -14.59 -23.80 24.26
C THR A 274 -16.02 -23.98 24.77
N ARG A 275 -17.00 -23.77 23.89
CA ARG A 275 -18.39 -23.65 24.33
C ARG A 275 -19.39 -24.43 23.47
N GLY A 276 -18.88 -25.14 22.46
CA GLY A 276 -19.72 -25.95 21.59
C GLY A 276 -20.59 -25.16 20.62
N CYS A 277 -20.18 -23.93 20.33
CA CYS A 277 -20.87 -23.02 19.38
CA CYS A 277 -20.95 -23.10 19.41
C CYS A 277 -20.80 -23.59 17.96
N ASN A 278 -21.79 -23.25 17.14
CA ASN A 278 -21.79 -23.66 15.74
C ASN A 278 -20.79 -22.83 14.94
N ARG A 279 -20.03 -23.51 14.08
CA ARG A 279 -19.05 -22.84 13.20
C ARG A 279 -19.68 -22.24 11.94
N LYS A 280 -20.95 -22.54 11.70
CA LYS A 280 -21.61 -22.09 10.48
C LYS A 280 -21.49 -20.58 10.30
N VAL A 281 -21.09 -20.20 9.08
CA VAL A 281 -21.08 -18.80 8.63
C VAL A 281 -21.74 -18.77 7.27
N ARG A 282 -22.07 -17.57 6.80
CA ARG A 282 -22.69 -17.41 5.49
C ARG A 282 -21.68 -17.03 4.42
N SER A 283 -21.81 -17.66 3.27
CA SER A 283 -20.97 -17.37 2.11
C SER A 283 -21.03 -15.86 1.81
N PRO A 284 -19.87 -15.23 1.51
CA PRO A 284 -18.59 -15.83 1.11
C PRO A 284 -17.62 -16.19 2.22
N LEU A 285 -18.03 -16.08 3.48
CA LEU A 285 -17.22 -16.61 4.56
C LEU A 285 -17.36 -18.13 4.57
N MET A 286 -16.32 -18.83 5.03
CA MET A 286 -16.31 -20.31 5.01
C MET A 286 -16.42 -20.88 6.41
N SER A 287 -17.12 -22.00 6.54
CA SER A 287 -17.30 -22.65 7.83
C SER A 287 -16.12 -23.52 8.22
N THR A 288 -15.09 -23.51 7.37
CA THR A 288 -13.87 -24.29 7.56
C THR A 288 -12.66 -23.35 7.62
N LEU A 289 -11.57 -23.87 8.19
CA LEU A 289 -10.30 -23.17 8.27
C LEU A 289 -9.21 -24.17 7.88
N GLU A 290 -8.04 -23.63 7.54
CA GLU A 290 -6.85 -24.47 7.30
C GLU A 290 -6.42 -25.17 8.59
N PRO A 291 -5.91 -26.41 8.47
CA PRO A 291 -5.44 -27.11 9.67
C PRO A 291 -4.43 -26.32 10.50
N ALA A 292 -3.54 -25.58 9.86
CA ALA A 292 -2.55 -24.79 10.59
C ALA A 292 -3.20 -23.64 11.38
N THR A 293 -4.28 -23.08 10.84
CA THR A 293 -5.03 -22.04 11.55
C THR A 293 -5.70 -22.60 12.79
N GLU A 294 -6.33 -23.76 12.65
CA GLU A 294 -6.99 -24.40 13.79
C GLU A 294 -5.99 -24.76 14.87
N ALA A 295 -4.83 -25.27 14.46
CA ALA A 295 -3.73 -25.58 15.39
C ALA A 295 -3.27 -24.35 16.16
N ALA A 296 -3.14 -23.22 15.47
CA ALA A 296 -2.71 -21.99 16.13
C ALA A 296 -3.77 -21.47 17.11
N ILE A 297 -5.06 -21.57 16.74
CA ILE A 297 -6.12 -21.13 17.64
C ILE A 297 -6.17 -22.02 18.89
N ASP A 298 -6.08 -23.33 18.69
CA ASP A 298 -6.04 -24.27 19.82
C ASP A 298 -4.90 -23.94 20.77
N ALA A 299 -3.71 -23.74 20.21
CA ALA A 299 -2.53 -23.39 21.00
C ALA A 299 -2.75 -22.08 21.77
N ALA A 300 -3.34 -21.09 21.11
CA ALA A 300 -3.62 -19.82 21.76
C ALA A 300 -4.65 -19.94 22.87
N LEU A 301 -5.66 -20.78 22.67
CA LEU A 301 -6.66 -21.03 23.71
C LEU A 301 -6.01 -21.68 24.94
N LYS A 302 -5.14 -22.65 24.69
CA LYS A 302 -4.41 -23.30 25.78
CA LYS A 302 -4.38 -23.32 25.76
C LYS A 302 -3.54 -22.28 26.52
N HIS A 303 -2.83 -21.45 25.75
CA HIS A 303 -1.99 -20.41 26.34
C HIS A 303 -2.80 -19.45 27.23
N ALA A 304 -4.01 -19.11 26.78
CA ALA A 304 -4.87 -18.20 27.54
C ALA A 304 -5.61 -18.84 28.71
N GLY A 305 -5.47 -20.17 28.86
CA GLY A 305 -6.14 -20.91 29.92
C GLY A 305 -7.61 -21.23 29.66
N LEU A 306 -8.02 -21.15 28.39
CA LEU A 306 -9.40 -21.38 28.00
C LEU A 306 -9.65 -22.80 27.50
N MET A 307 -8.56 -23.55 27.30
CA MET A 307 -8.59 -24.97 26.93
CA MET A 307 -8.60 -24.97 26.94
C MET A 307 -7.43 -25.66 27.64
N ASN A 308 -7.60 -26.95 27.95
CA ASN A 308 -6.51 -27.75 28.50
C ASN A 308 -5.47 -28.13 27.44
N MET B 15 20.99 6.48 -30.29
CA MET B 15 19.52 6.22 -30.39
C MET B 15 19.12 5.19 -29.35
N PHE B 16 18.28 5.60 -28.41
CA PHE B 16 17.93 4.76 -27.28
C PHE B 16 16.53 4.19 -27.43
N LYS B 17 16.47 2.95 -27.90
CA LYS B 17 15.22 2.26 -28.16
C LYS B 17 15.46 0.76 -28.22
N GLY B 18 14.38 0.00 -28.16
CA GLY B 18 14.45 -1.46 -28.32
C GLY B 18 14.77 -2.19 -27.04
N SER B 19 15.46 -3.32 -27.17
CA SER B 19 15.79 -4.17 -26.03
C SER B 19 17.17 -3.83 -25.50
N ILE B 20 17.23 -3.29 -24.29
CA ILE B 20 18.48 -2.80 -23.71
C ILE B 20 18.68 -3.53 -22.38
N PRO B 21 19.54 -4.56 -22.34
CA PRO B 21 19.72 -5.27 -21.07
C PRO B 21 20.35 -4.42 -19.98
N ALA B 22 19.79 -4.51 -18.78
CA ALA B 22 20.49 -4.06 -17.59
C ALA B 22 21.38 -5.24 -17.23
N LEU B 23 22.63 -5.16 -17.65
CA LEU B 23 23.54 -6.28 -17.60
C LEU B 23 23.84 -6.76 -16.19
N ILE B 24 23.80 -8.07 -15.98
CA ILE B 24 24.37 -8.63 -14.77
C ILE B 24 25.88 -8.36 -14.70
N THR B 25 26.41 -8.35 -13.48
CA THR B 25 27.84 -8.33 -13.28
C THR B 25 28.23 -9.71 -12.74
N PRO B 26 28.87 -10.54 -13.59
CA PRO B 26 29.27 -11.88 -13.12
C PRO B 26 30.41 -11.79 -12.12
N PHE B 27 30.38 -12.65 -11.11
CA PHE B 27 31.46 -12.74 -10.14
C PHE B 27 32.09 -14.13 -10.19
N THR B 28 33.34 -14.20 -9.75
CA THR B 28 33.97 -15.50 -9.46
C THR B 28 33.44 -16.05 -8.13
N ASP B 29 33.83 -17.28 -7.82
CA ASP B 29 33.37 -17.92 -6.57
C ASP B 29 33.63 -17.09 -5.32
N ASN B 30 34.76 -16.38 -5.30
CA ASN B 30 35.13 -15.55 -4.15
C ASN B 30 34.47 -14.15 -4.13
N GLY B 31 33.67 -13.85 -5.14
CA GLY B 31 32.94 -12.59 -5.17
C GLY B 31 33.58 -11.47 -5.99
N ALA B 32 34.77 -11.72 -6.53
CA ALA B 32 35.43 -10.72 -7.36
C ALA B 32 34.72 -10.57 -8.71
N VAL B 33 34.73 -9.37 -9.27
CA VAL B 33 34.20 -9.15 -10.62
C VAL B 33 34.92 -10.09 -11.59
N ASP B 34 34.16 -10.83 -12.38
CA ASP B 34 34.73 -11.71 -13.40
C ASP B 34 34.70 -10.98 -14.73
N GLU B 35 35.82 -10.33 -15.06
CA GLU B 35 35.91 -9.49 -16.26
C GLU B 35 35.77 -10.28 -17.56
N GLN B 36 36.34 -11.47 -17.60
CA GLN B 36 36.22 -12.31 -18.79
C GLN B 36 34.77 -12.75 -19.03
N ALA B 37 34.08 -13.14 -17.95
CA ALA B 37 32.67 -13.53 -18.07
C ALA B 37 31.81 -12.35 -18.47
N PHE B 38 32.10 -11.17 -17.90
CA PHE B 38 31.36 -9.96 -18.25
C PHE B 38 31.54 -9.63 -19.73
N ALA B 39 32.77 -9.63 -20.21
CA ALA B 39 33.06 -9.34 -21.61
C ALA B 39 32.37 -10.31 -22.55
N ALA B 40 32.39 -11.60 -22.21
CA ALA B 40 31.71 -12.63 -23.01
C ALA B 40 30.20 -12.42 -23.04
N HIS B 41 29.63 -12.05 -21.89
CA HIS B 41 28.20 -11.74 -21.81
C HIS B 41 27.81 -10.58 -22.71
N VAL B 42 28.60 -9.50 -22.68
CA VAL B 42 28.37 -8.32 -23.53
C VAL B 42 28.47 -8.66 -25.03
N GLU B 43 29.52 -9.38 -25.42
CA GLU B 43 29.69 -9.80 -26.80
CA GLU B 43 29.71 -9.83 -26.80
C GLU B 43 28.49 -10.59 -27.29
N TRP B 44 28.02 -11.54 -26.46
CA TRP B 44 26.88 -12.38 -26.79
C TRP B 44 25.58 -11.57 -26.91
N GLN B 45 25.40 -10.64 -25.98
CA GLN B 45 24.24 -9.74 -26.01
C GLN B 45 24.19 -8.98 -27.34
N ILE B 46 25.32 -8.43 -27.77
CA ILE B 46 25.38 -7.71 -29.06
C ILE B 46 25.13 -8.66 -30.23
N ALA B 47 25.76 -9.84 -30.19
CA ALA B 47 25.59 -10.83 -31.25
C ALA B 47 24.14 -11.27 -31.40
N GLU B 48 23.43 -11.35 -30.28
CA GLU B 48 22.06 -11.83 -30.27
C GLU B 48 21.01 -10.76 -30.60
N GLY B 49 21.43 -9.49 -30.70
CA GLY B 49 20.55 -8.43 -31.16
C GLY B 49 20.13 -7.39 -30.15
N SER B 50 20.72 -7.39 -28.97
CA SER B 50 20.40 -6.31 -28.03
C SER B 50 20.77 -4.94 -28.62
N ASN B 51 19.90 -3.96 -28.38
CA ASN B 51 20.01 -2.65 -29.05
C ASN B 51 20.78 -1.58 -28.29
N GLY B 52 21.22 -1.94 -27.08
CA GLY B 52 21.92 -1.03 -26.19
C GLY B 52 22.34 -1.79 -24.97
N LEU B 53 23.12 -1.15 -24.09
CA LEU B 53 23.63 -1.83 -22.91
C LEU B 53 23.61 -0.91 -21.69
N VAL B 54 23.15 -1.42 -20.56
CA VAL B 54 23.23 -0.71 -19.30
C VAL B 54 24.13 -1.49 -18.33
N PRO B 55 25.41 -1.08 -18.22
CA PRO B 55 26.28 -1.65 -17.21
C PRO B 55 26.04 -0.99 -15.86
N VAL B 56 26.17 -1.79 -14.80
N VAL B 56 26.16 -1.78 -14.80
CA VAL B 56 26.01 -1.36 -13.41
CA VAL B 56 26.05 -1.31 -13.41
C VAL B 56 24.76 -0.54 -13.11
C VAL B 56 24.76 -0.55 -13.09
N GLY B 57 23.64 -1.07 -13.57
CA GLY B 57 22.33 -0.66 -13.08
C GLY B 57 22.06 -1.51 -11.84
N THR B 58 20.80 -1.57 -11.43
CA THR B 58 20.42 -2.34 -10.25
C THR B 58 20.72 -3.82 -10.48
N THR B 59 20.40 -4.30 -11.68
CA THR B 59 20.61 -5.69 -12.03
C THR B 59 22.09 -6.05 -12.12
N GLY B 60 22.93 -5.04 -12.34
CA GLY B 60 24.38 -5.22 -12.30
C GLY B 60 24.99 -5.13 -10.91
N GLU B 61 24.13 -5.14 -9.89
CA GLU B 61 24.55 -5.12 -8.49
C GLU B 61 25.36 -3.88 -8.13
N SER B 62 24.98 -2.75 -8.71
CA SER B 62 25.54 -1.46 -8.33
C SER B 62 25.67 -1.23 -6.82
N PRO B 63 24.66 -1.63 -6.00
CA PRO B 63 24.80 -1.34 -4.57
C PRO B 63 26.00 -2.00 -3.88
N THR B 64 26.48 -3.12 -4.41
CA THR B 64 27.54 -3.86 -3.73
C THR B 64 28.91 -3.76 -4.41
N LEU B 65 29.01 -2.97 -5.47
CA LEU B 65 30.29 -2.68 -6.10
C LEU B 65 30.95 -1.47 -5.45
N SER B 66 32.27 -1.52 -5.29
CA SER B 66 33.02 -0.33 -4.89
C SER B 66 33.03 0.66 -6.05
N HIS B 67 33.41 1.92 -5.76
CA HIS B 67 33.56 2.92 -6.81
C HIS B 67 34.50 2.46 -7.93
N ASP B 68 35.63 1.88 -7.55
CA ASP B 68 36.60 1.39 -8.53
C ASP B 68 36.04 0.27 -9.40
N GLU B 69 35.29 -0.64 -8.78
CA GLU B 69 34.65 -1.73 -9.50
C GLU B 69 33.57 -1.19 -10.46
N HIS B 70 32.75 -0.27 -9.96
CA HIS B 70 31.73 0.39 -10.78
C HIS B 70 32.39 0.98 -12.02
N LYS B 71 33.44 1.77 -11.80
CA LYS B 71 34.18 2.40 -12.87
C LYS B 71 34.76 1.39 -13.86
N ARG B 72 35.39 0.34 -13.34
CA ARG B 72 35.98 -0.69 -14.18
C ARG B 72 34.94 -1.41 -15.07
N VAL B 73 33.79 -1.74 -14.50
CA VAL B 73 32.76 -2.43 -15.28
C VAL B 73 32.19 -1.53 -16.39
N VAL B 74 31.97 -0.26 -16.07
CA VAL B 74 31.54 0.72 -17.08
C VAL B 74 32.58 0.82 -18.21
N GLU B 75 33.85 0.99 -17.83
CA GLU B 75 34.95 1.07 -18.80
C GLU B 75 35.03 -0.18 -19.68
N LEU B 76 34.92 -1.35 -19.05
CA LEU B 76 34.99 -2.61 -19.77
C LEU B 76 33.80 -2.75 -20.74
N CYS B 77 32.62 -2.36 -20.29
CA CYS B 77 31.45 -2.41 -21.17
C CYS B 77 31.65 -1.54 -22.41
N ILE B 78 32.17 -0.33 -22.21
CA ILE B 78 32.47 0.61 -23.30
C ILE B 78 33.48 0.02 -24.28
N GLU B 79 34.55 -0.56 -23.73
CA GLU B 79 35.60 -1.17 -24.54
C GLU B 79 35.06 -2.32 -25.39
N VAL B 80 34.28 -3.20 -24.78
CA VAL B 80 33.76 -4.37 -25.50
C VAL B 80 32.73 -3.98 -26.55
N ALA B 81 31.83 -3.05 -26.20
CA ALA B 81 30.79 -2.61 -27.12
C ALA B 81 31.39 -2.01 -28.39
N ALA B 82 32.50 -1.29 -28.23
CA ALA B 82 33.25 -0.70 -29.36
C ALA B 82 32.32 0.09 -30.29
N LYS B 83 31.46 0.91 -29.67
CA LYS B 83 30.53 1.80 -30.39
C LYS B 83 29.48 1.12 -31.28
N ARG B 84 29.31 -0.19 -31.12
CA ARG B 84 28.33 -0.95 -31.92
C ARG B 84 26.89 -0.68 -31.52
N VAL B 85 26.68 -0.56 -30.21
CA VAL B 85 25.38 -0.18 -29.63
C VAL B 85 25.66 0.86 -28.54
N PRO B 86 24.65 1.70 -28.21
CA PRO B 86 24.88 2.70 -27.15
C PRO B 86 25.08 2.07 -25.78
N VAL B 87 25.99 2.65 -25.02
CA VAL B 87 26.21 2.27 -23.63
C VAL B 87 25.63 3.35 -22.74
N ILE B 88 24.60 2.97 -21.99
CA ILE B 88 23.92 3.85 -21.06
C ILE B 88 24.37 3.44 -19.67
N ALA B 89 25.34 4.17 -19.12
CA ALA B 89 25.99 3.76 -17.88
C ALA B 89 25.18 4.08 -16.65
N GLY B 90 25.07 3.10 -15.74
CA GLY B 90 24.51 3.38 -14.43
C GLY B 90 25.31 4.43 -13.68
N ALA B 91 24.64 5.46 -13.19
CA ALA B 91 25.33 6.48 -12.39
C ALA B 91 24.49 6.90 -11.18
N GLY B 92 23.79 5.94 -10.61
CA GLY B 92 22.82 6.20 -9.55
C GLY B 92 23.39 6.27 -8.15
N SER B 93 22.84 7.20 -7.37
CA SER B 93 23.09 7.30 -5.94
C SER B 93 22.00 8.12 -5.28
N ASN B 94 21.82 7.91 -3.97
CA ASN B 94 20.95 8.80 -3.19
C ASN B 94 21.69 10.02 -2.63
N ASN B 95 22.97 10.13 -3.02
CA ASN B 95 23.81 11.25 -2.63
C ASN B 95 24.15 11.98 -3.92
N THR B 96 23.66 13.22 -4.07
CA THR B 96 23.83 13.95 -5.34
C THR B 96 25.29 14.10 -5.75
N ASP B 97 26.15 14.41 -4.78
CA ASP B 97 27.60 14.52 -5.03
CA ASP B 97 27.57 14.54 -5.08
C ASP B 97 28.17 13.23 -5.62
N GLU B 98 27.74 12.08 -5.09
CA GLU B 98 28.20 10.79 -5.58
C GLU B 98 27.69 10.50 -6.99
N ALA B 99 26.43 10.87 -7.27
CA ALA B 99 25.85 10.67 -8.59
C ALA B 99 26.63 11.48 -9.62
N ILE B 100 27.00 12.71 -9.26
CA ILE B 100 27.80 13.57 -10.14
C ILE B 100 29.16 12.94 -10.43
N GLU B 101 29.82 12.41 -9.39
CA GLU B 101 31.10 11.73 -9.56
C GLU B 101 31.00 10.56 -10.55
N LEU B 102 29.97 9.73 -10.39
CA LEU B 102 29.77 8.58 -11.28
C LEU B 102 29.43 9.02 -12.70
N ALA B 103 28.62 10.07 -12.82
CA ALA B 103 28.25 10.63 -14.12
C ALA B 103 29.46 11.17 -14.86
N LEU B 104 30.31 11.91 -14.16
CA LEU B 104 31.52 12.48 -14.78
C LEU B 104 32.50 11.41 -15.21
N HIS B 105 32.66 10.38 -14.39
CA HIS B 105 33.51 9.28 -14.77
C HIS B 105 33.01 8.61 -16.05
N ALA B 106 31.71 8.31 -16.09
CA ALA B 106 31.14 7.59 -17.23
C ALA B 106 31.30 8.40 -18.51
N GLN B 107 31.11 9.71 -18.39
CA GLN B 107 31.31 10.62 -19.51
C GLN B 107 32.75 10.59 -20.00
N ASP B 108 33.70 10.75 -19.08
CA ASP B 108 35.12 10.69 -19.43
C ASP B 108 35.54 9.34 -20.01
N ALA B 109 34.87 8.27 -19.57
CA ALA B 109 35.18 6.92 -20.04
C ALA B 109 34.64 6.65 -21.45
N GLY B 110 33.68 7.46 -21.88
CA GLY B 110 33.15 7.38 -23.24
C GLY B 110 31.77 6.77 -23.36
N ALA B 111 31.00 6.79 -22.27
CA ALA B 111 29.61 6.33 -22.30
C ALA B 111 28.77 7.22 -23.21
N ASP B 112 27.69 6.67 -23.74
CA ASP B 112 26.80 7.42 -24.63
C ASP B 112 25.65 8.14 -23.92
N ALA B 113 25.33 7.65 -22.72
CA ALA B 113 24.26 8.21 -21.92
C ALA B 113 24.41 7.73 -20.48
N LEU B 114 23.56 8.26 -19.61
CA LEU B 114 23.57 7.91 -18.19
C LEU B 114 22.20 7.45 -17.75
N LEU B 115 22.15 6.43 -16.89
CA LEU B 115 20.92 6.01 -16.22
C LEU B 115 21.03 6.44 -14.77
N VAL B 116 20.12 7.31 -14.35
CA VAL B 116 20.21 7.97 -13.04
C VAL B 116 18.94 7.69 -12.23
N VAL B 117 19.09 6.84 -11.21
CA VAL B 117 17.96 6.48 -10.35
C VAL B 117 17.48 7.62 -9.44
N THR B 118 16.19 7.63 -9.15
CA THR B 118 15.67 8.51 -8.11
C THR B 118 16.33 8.14 -6.77
N PRO B 119 16.76 9.14 -5.98
CA PRO B 119 17.34 8.83 -4.67
C PRO B 119 16.41 7.96 -3.82
N TYR B 120 16.98 6.86 -3.34
CA TYR B 120 16.31 5.85 -2.50
C TYR B 120 16.68 6.13 -1.04
N TYR B 121 15.86 5.57 -0.14
CA TYR B 121 16.08 5.59 1.31
CA TYR B 121 16.12 5.58 1.30
C TYR B 121 15.88 6.94 1.99
N ASN B 122 16.52 8.00 1.50
CA ASN B 122 16.39 9.31 2.18
C ASN B 122 15.12 10.12 1.89
N LYS B 123 14.32 9.66 0.93
CA LYS B 123 12.97 10.18 0.67
C LYS B 123 12.90 11.70 0.48
N PRO B 124 13.54 12.21 -0.58
CA PRO B 124 13.47 13.64 -0.87
C PRO B 124 12.08 14.06 -1.36
N THR B 125 11.82 15.36 -1.34
CA THR B 125 10.58 15.94 -1.86
C THR B 125 10.65 15.98 -3.39
N GLN B 126 9.56 16.33 -4.06
CA GLN B 126 9.62 16.56 -5.50
C GLN B 126 10.64 17.64 -5.86
N LYS B 127 10.73 18.69 -5.03
CA LYS B 127 11.71 19.75 -5.27
C LYS B 127 13.14 19.22 -5.13
N GLY B 128 13.34 18.33 -4.17
CA GLY B 128 14.63 17.63 -4.01
C GLY B 128 14.97 16.76 -5.20
N LEU B 129 13.97 16.03 -5.72
CA LEU B 129 14.16 15.26 -6.95
C LEU B 129 14.58 16.18 -8.09
N PHE B 130 13.88 17.29 -8.25
CA PHE B 130 14.24 18.24 -9.30
C PHE B 130 15.69 18.70 -9.14
N ALA B 131 16.06 19.09 -7.92
CA ALA B 131 17.40 19.61 -7.65
C ALA B 131 18.49 18.56 -7.91
N HIS B 132 18.21 17.32 -7.54
CA HIS B 132 19.14 16.22 -7.74
C HIS B 132 19.42 16.02 -9.23
N PHE B 133 18.36 15.85 -10.01
CA PHE B 133 18.52 15.62 -11.44
C PHE B 133 19.05 16.82 -12.19
N SER B 134 18.69 18.03 -11.75
CA SER B 134 19.20 19.26 -12.34
CA SER B 134 19.20 19.26 -12.33
C SER B 134 20.70 19.37 -12.12
N ALA B 135 21.15 19.06 -10.91
CA ALA B 135 22.57 19.10 -10.59
C ALA B 135 23.37 18.11 -11.45
N VAL B 136 22.85 16.90 -11.62
CA VAL B 136 23.52 15.93 -12.48
C VAL B 136 23.52 16.42 -13.93
N ALA B 137 22.37 16.88 -14.41
CA ALA B 137 22.28 17.36 -15.80
C ALA B 137 23.20 18.53 -16.10
N GLU B 138 23.36 19.44 -15.15
CA GLU B 138 24.23 20.61 -15.31
CA GLU B 138 24.23 20.60 -15.37
C GLU B 138 25.71 20.22 -15.35
N ALA B 139 26.05 19.14 -14.66
CA ALA B 139 27.44 18.69 -14.49
C ALA B 139 28.02 18.00 -15.72
N VAL B 140 27.16 17.40 -16.53
CA VAL B 140 27.62 16.61 -17.69
C VAL B 140 26.95 17.06 -18.99
N LYS B 141 27.53 16.66 -20.12
CA LYS B 141 26.95 16.95 -21.41
C LYS B 141 26.12 15.78 -21.96
N LEU B 142 26.33 14.60 -21.38
CA LEU B 142 25.65 13.38 -21.84
C LEU B 142 24.13 13.41 -21.66
N PRO B 143 23.40 12.69 -22.54
CA PRO B 143 21.97 12.47 -22.30
C PRO B 143 21.74 11.63 -21.06
N ILE B 144 20.68 11.98 -20.33
CA ILE B 144 20.33 11.32 -19.08
C ILE B 144 18.95 10.70 -19.20
N VAL B 145 18.86 9.44 -18.75
CA VAL B 145 17.61 8.73 -18.61
C VAL B 145 17.29 8.66 -17.11
N ILE B 146 16.18 9.25 -16.72
CA ILE B 146 15.68 9.20 -15.34
C ILE B 146 15.16 7.80 -15.07
N TYR B 147 15.55 7.22 -13.94
N TYR B 147 15.63 7.17 -13.98
CA TYR B 147 15.15 5.87 -13.58
CA TYR B 147 15.14 5.86 -13.57
C TYR B 147 14.19 5.95 -12.38
C TYR B 147 14.18 6.07 -12.40
N ASN B 148 12.90 5.99 -12.71
CA ASN B 148 11.85 6.19 -11.69
C ASN B 148 11.32 4.85 -11.24
N ILE B 149 11.64 4.48 -10.01
CA ILE B 149 11.33 3.15 -9.49
C ILE B 149 10.81 3.20 -8.06
N PRO B 150 9.54 3.62 -7.89
CA PRO B 150 8.95 3.67 -6.55
C PRO B 150 9.02 2.36 -5.75
N PRO B 151 8.91 1.18 -6.40
CA PRO B 151 9.04 -0.06 -5.61
C PRO B 151 10.39 -0.23 -4.88
N ARG B 152 11.43 0.47 -5.33
CA ARG B 152 12.74 0.43 -4.65
C ARG B 152 13.07 1.73 -3.91
N SER B 153 12.75 2.85 -4.54
CA SER B 153 13.13 4.15 -3.98
C SER B 153 12.06 4.79 -3.09
N VAL B 154 10.86 4.21 -3.10
CA VAL B 154 9.69 4.70 -2.35
C VAL B 154 9.10 5.99 -2.92
N VAL B 155 9.93 7.03 -3.03
CA VAL B 155 9.50 8.27 -3.70
C VAL B 155 9.19 7.97 -5.17
N ASP B 156 8.43 8.87 -5.78
CA ASP B 156 7.90 8.67 -7.11
C ASP B 156 7.95 10.01 -7.81
N MET B 157 8.80 10.15 -8.82
CA MET B 157 8.85 11.40 -9.58
C MET B 157 7.56 11.56 -10.36
N SER B 158 6.83 12.64 -10.10
CA SER B 158 5.57 12.91 -10.78
C SER B 158 5.81 13.32 -12.23
N PRO B 159 4.78 13.17 -13.08
CA PRO B 159 4.94 13.66 -14.45
C PRO B 159 5.20 15.17 -14.51
N GLU B 160 4.71 15.92 -13.52
CA GLU B 160 4.95 17.36 -13.45
C GLU B 160 6.43 17.67 -13.21
N THR B 161 7.02 16.96 -12.25
CA THR B 161 8.45 17.13 -11.97
C THR B 161 9.29 16.70 -13.16
N MET B 162 8.93 15.57 -13.76
CA MET B 162 9.62 15.05 -14.92
C MET B 162 9.54 16.06 -16.08
N GLY B 163 8.33 16.58 -16.32
CA GLY B 163 8.14 17.59 -17.37
C GLY B 163 8.97 18.84 -17.12
N ALA B 164 9.04 19.27 -15.86
CA ALA B 164 9.85 20.44 -15.51
C ALA B 164 11.33 20.21 -15.77
N LEU B 165 11.83 18.99 -15.50
CA LEU B 165 13.21 18.65 -15.79
C LEU B 165 13.51 18.66 -17.29
N VAL B 166 12.59 18.09 -18.07
CA VAL B 166 12.71 18.07 -19.53
C VAL B 166 12.80 19.48 -20.12
N LYS B 167 11.96 20.39 -19.62
CA LYS B 167 11.95 21.77 -20.07
CA LYS B 167 11.96 21.78 -20.08
C LYS B 167 13.23 22.51 -19.67
N ALA B 168 13.74 22.22 -18.47
CA ALA B 168 14.91 22.92 -17.92
C ALA B 168 16.27 22.45 -18.46
N HIS B 169 16.33 21.20 -18.92
CA HIS B 169 17.60 20.59 -19.32
C HIS B 169 17.45 19.80 -20.59
N LYS B 170 18.12 20.28 -21.64
CA LYS B 170 18.04 19.64 -22.95
C LYS B 170 18.57 18.21 -22.93
N ASN B 171 19.49 17.93 -22.01
CA ASN B 171 20.06 16.59 -21.89
C ASN B 171 19.30 15.60 -21.00
N ILE B 172 18.17 16.02 -20.45
CA ILE B 172 17.27 15.05 -19.81
C ILE B 172 16.33 14.56 -20.90
N VAL B 173 16.59 13.35 -21.39
CA VAL B 173 15.99 12.89 -22.64
C VAL B 173 14.98 11.77 -22.52
N GLY B 174 14.92 11.11 -21.36
CA GLY B 174 14.06 9.94 -21.26
C GLY B 174 13.89 9.41 -19.86
N VAL B 175 13.11 8.34 -19.76
CA VAL B 175 12.78 7.70 -18.48
C VAL B 175 12.82 6.19 -18.63
N ASP B 177 10.92 3.75 -16.77
CA ASP B 177 9.74 3.90 -15.93
C ASP B 177 9.36 2.54 -15.33
N ALA B 178 9.67 2.40 -14.05
CA ALA B 178 9.37 1.17 -13.31
C ALA B 178 8.23 1.36 -12.32
N THR B 179 7.29 2.25 -12.64
CA THR B 179 6.12 2.44 -11.78
C THR B 179 5.14 1.26 -11.90
N GLY B 180 5.12 0.60 -13.06
CA GLY B 180 4.12 -0.44 -13.32
C GLY B 180 2.72 0.12 -13.52
N LYS B 181 2.61 1.44 -13.70
CA LYS B 181 1.33 2.11 -13.90
C LYS B 181 1.31 2.68 -15.32
N LEU B 182 0.66 1.98 -16.23
CA LEU B 182 0.82 2.30 -17.66
C LEU B 182 0.17 3.61 -18.07
N ASP B 183 -0.81 4.06 -17.29
CA ASP B 183 -1.37 5.40 -17.48
C ASP B 183 -0.31 6.48 -17.28
N ARG B 184 0.76 6.18 -16.53
CA ARG B 184 1.83 7.14 -16.36
CA ARG B 184 1.86 7.14 -16.35
C ARG B 184 2.56 7.44 -17.67
N VAL B 185 2.63 6.44 -18.56
CA VAL B 185 3.21 6.67 -19.88
C VAL B 185 2.40 7.73 -20.62
N SER B 186 1.08 7.60 -20.57
CA SER B 186 0.18 8.58 -21.18
C SER B 186 0.34 9.97 -20.53
N GLU B 187 0.46 10.00 -19.20
CA GLU B 187 0.65 11.27 -18.49
C GLU B 187 2.00 11.91 -18.82
N GLN B 188 3.04 11.09 -18.93
CA GLN B 188 4.38 11.57 -19.27
C GLN B 188 4.46 12.03 -20.74
N ARG B 189 3.68 11.40 -21.61
CA ARG B 189 3.58 11.84 -22.98
C ARG B 189 3.01 13.27 -23.05
N ILE B 190 2.06 13.58 -22.18
CA ILE B 190 1.52 14.94 -22.08
C ILE B 190 2.53 15.92 -21.48
N SER B 191 3.10 15.55 -20.32
CA SER B 191 3.92 16.52 -19.59
C SER B 191 5.31 16.70 -20.18
N CYS B 192 5.83 15.67 -20.84
CA CYS B 192 7.21 15.67 -21.36
C CYS B 192 7.29 15.73 -22.87
N GLY B 193 6.16 15.49 -23.54
CA GLY B 193 6.12 15.50 -25.01
C GLY B 193 6.20 14.12 -25.61
N LYS B 194 5.74 14.02 -26.86
CA LYS B 194 5.75 12.76 -27.60
CA LYS B 194 5.75 12.76 -27.60
C LYS B 194 7.17 12.31 -27.95
N ASP B 195 8.11 13.24 -27.96
CA ASP B 195 9.52 12.92 -28.28
C ASP B 195 10.37 12.48 -27.10
N PHE B 196 9.82 12.61 -25.89
CA PHE B 196 10.47 12.11 -24.69
C PHE B 196 10.59 10.58 -24.82
N ILE B 197 11.77 10.05 -24.54
CA ILE B 197 12.05 8.64 -24.75
C ILE B 197 11.62 7.84 -23.52
N GLN B 198 10.55 7.07 -23.66
CA GLN B 198 10.04 6.29 -22.54
C GLN B 198 10.39 4.82 -22.74
N LEU B 199 11.09 4.26 -21.74
CA LEU B 199 11.56 2.89 -21.78
C LEU B 199 10.98 2.16 -20.58
N SER B 200 10.43 0.98 -20.80
CA SER B 200 9.86 0.22 -19.68
C SER B 200 10.96 -0.20 -18.70
N GLY B 201 10.68 -0.04 -17.41
CA GLY B 201 11.56 -0.58 -16.38
C GLY B 201 11.03 -1.89 -15.83
N GLU B 202 10.00 -2.44 -16.46
CA GLU B 202 9.42 -3.74 -16.07
C GLU B 202 9.27 -4.63 -17.30
N ASP B 203 9.82 -5.83 -17.23
CA ASP B 203 9.75 -6.76 -18.35
C ASP B 203 8.35 -7.25 -18.64
N SER B 204 7.58 -7.52 -17.59
CA SER B 204 6.28 -8.19 -17.76
C SER B 204 5.22 -7.30 -18.38
N THR B 205 5.45 -5.99 -18.34
CA THR B 205 4.48 -5.04 -18.91
C THR B 205 5.11 -4.17 -20.00
N ALA B 206 6.30 -4.55 -20.47
CA ALA B 206 6.92 -3.93 -21.66
C ALA B 206 5.98 -3.87 -22.88
N LEU B 207 5.14 -4.89 -23.02
CA LEU B 207 4.15 -4.96 -24.10
C LEU B 207 3.15 -3.80 -24.05
N GLY B 208 2.43 -3.67 -22.92
CA GLY B 208 1.48 -2.56 -22.77
C GLY B 208 2.19 -1.20 -22.75
N PHE B 209 3.41 -1.17 -22.21
CA PHE B 209 4.17 0.06 -22.11
C PHE B 209 4.40 0.68 -23.49
N ASN B 210 4.86 -0.14 -24.44
CA ASN B 210 5.04 0.37 -25.80
C ASN B 210 3.73 0.75 -26.47
N ALA B 211 2.66 -0.01 -26.19
CA ALA B 211 1.34 0.36 -26.73
C ALA B 211 0.94 1.78 -26.32
N HIS B 212 1.33 2.17 -25.10
CA HIS B 212 1.04 3.51 -24.58
C HIS B 212 2.01 4.60 -25.09
N GLY B 213 3.03 4.21 -25.85
CA GLY B 213 3.95 5.21 -26.40
C GLY B 213 5.42 4.98 -26.08
N GLY B 214 5.71 3.94 -25.30
CA GLY B 214 7.10 3.52 -25.07
C GLY B 214 7.80 3.09 -26.35
N VAL B 215 9.13 3.14 -26.31
CA VAL B 215 9.95 2.78 -27.48
C VAL B 215 11.02 1.75 -27.11
N GLY B 216 10.85 1.08 -25.97
CA GLY B 216 11.83 0.07 -25.58
C GLY B 216 11.70 -0.31 -24.13
N CYS B 217 12.66 -1.09 -23.67
CA CYS B 217 12.68 -1.62 -22.32
C CYS B 217 14.12 -1.82 -21.87
N ILE B 218 14.45 -1.26 -20.72
CA ILE B 218 15.72 -1.57 -20.06
C ILE B 218 15.40 -2.78 -19.20
N SER B 219 16.00 -3.90 -19.60
CA SER B 219 15.42 -5.22 -19.37
C SER B 219 16.30 -6.13 -18.52
N VAL B 220 15.65 -6.85 -17.61
CA VAL B 220 16.33 -7.90 -16.85
C VAL B 220 16.33 -9.20 -17.66
N SER B 221 15.17 -9.56 -18.19
CA SER B 221 15.00 -10.81 -18.95
C SER B 221 15.88 -10.91 -20.18
N ALA B 222 16.23 -9.77 -20.78
CA ALA B 222 17.12 -9.76 -21.94
C ALA B 222 18.49 -10.38 -21.64
N ASN B 223 18.90 -10.38 -20.37
CA ASN B 223 20.12 -11.10 -19.97
C ASN B 223 20.07 -12.58 -20.33
N VAL B 224 18.88 -13.16 -20.24
CA VAL B 224 18.67 -14.58 -20.45
C VAL B 224 18.26 -14.88 -21.90
N ALA B 225 17.39 -14.07 -22.46
CA ALA B 225 16.84 -14.31 -23.80
C ALA B 225 17.00 -13.07 -24.68
N PRO B 226 18.27 -12.70 -25.00
CA PRO B 226 18.46 -11.46 -25.75
C PRO B 226 17.84 -11.45 -27.15
N ARG B 227 17.89 -12.57 -27.87
CA ARG B 227 17.31 -12.66 -29.20
CA ARG B 227 17.32 -12.62 -29.21
C ARG B 227 15.80 -12.50 -29.16
N LEU B 228 15.12 -13.30 -28.33
CA LEU B 228 13.67 -13.20 -28.23
C LEU B 228 13.24 -11.82 -27.77
N CYS B 229 13.92 -11.25 -26.79
CA CYS B 229 13.54 -9.92 -26.31
C CYS B 229 13.74 -8.85 -27.39
N SER B 230 14.81 -8.96 -28.18
CA SER B 230 15.07 -8.02 -29.27
CA SER B 230 15.04 -8.00 -29.26
C SER B 230 14.01 -8.13 -30.37
N GLU B 231 13.61 -9.36 -30.68
CA GLU B 231 12.58 -9.61 -31.68
C GLU B 231 11.19 -9.13 -31.21
N PHE B 232 10.94 -9.30 -29.91
CA PHE B 232 9.71 -8.80 -29.26
C PHE B 232 9.63 -7.30 -29.39
N GLN B 233 10.71 -6.61 -29.01
CA GLN B 233 10.76 -5.16 -29.14
C GLN B 233 10.63 -4.69 -30.59
N ALA B 234 11.33 -5.36 -31.50
CA ALA B 234 11.26 -4.99 -32.91
C ALA B 234 9.83 -5.11 -33.45
N ALA B 235 9.11 -6.15 -33.04
CA ALA B 235 7.73 -6.31 -33.49
C ALA B 235 6.89 -5.11 -33.03
N MET B 236 7.06 -4.68 -31.78
CA MET B 236 6.31 -3.53 -31.27
C MET B 236 6.68 -2.23 -31.96
N LEU B 237 7.97 -2.01 -32.16
CA LEU B 237 8.44 -0.80 -32.85
C LEU B 237 7.92 -0.75 -34.29
N ALA B 238 7.64 -1.92 -34.86
CA ALA B 238 7.07 -2.03 -36.20
C ALA B 238 5.55 -1.95 -36.24
N GLY B 239 4.93 -1.97 -35.07
CA GLY B 239 3.47 -1.91 -34.98
C GLY B 239 2.77 -3.25 -35.05
N ASP B 240 3.54 -4.34 -35.07
CA ASP B 240 2.95 -5.68 -35.11
C ASP B 240 2.73 -6.22 -33.69
N TYR B 241 1.65 -5.75 -33.08
CA TYR B 241 1.32 -6.14 -31.72
C TYR B 241 0.79 -7.56 -31.60
N ALA B 242 0.24 -8.11 -32.69
CA ALA B 242 -0.14 -9.52 -32.71
C ALA B 242 1.08 -10.43 -32.53
N LYS B 243 2.13 -10.14 -33.30
CA LYS B 243 3.39 -10.84 -33.13
C LYS B 243 4.00 -10.60 -31.75
N ALA B 244 3.94 -9.35 -31.27
CA ALA B 244 4.46 -9.05 -29.94
C ALA B 244 3.76 -9.89 -28.86
N LEU B 245 2.45 -10.08 -29.00
CA LEU B 245 1.71 -10.92 -28.06
C LEU B 245 2.14 -12.38 -28.10
N GLU B 246 2.50 -12.86 -29.30
CA GLU B 246 3.06 -14.21 -29.42
CA GLU B 246 3.06 -14.22 -29.43
C GLU B 246 4.37 -14.35 -28.63
N TYR B 247 5.20 -13.31 -28.67
CA TYR B 247 6.43 -13.30 -27.87
C TYR B 247 6.12 -13.27 -26.38
N GLN B 248 5.12 -12.47 -26.00
CA GLN B 248 4.69 -12.42 -24.60
C GLN B 248 4.21 -13.79 -24.11
N ASP B 249 3.50 -14.53 -24.95
CA ASP B 249 3.07 -15.89 -24.61
C ASP B 249 4.30 -16.77 -24.33
N ARG B 250 5.35 -16.58 -25.11
CA ARG B 250 6.58 -17.36 -24.98
CA ARG B 250 6.57 -17.38 -24.95
C ARG B 250 7.42 -16.95 -23.77
N LEU B 251 7.43 -15.67 -23.45
CA LEU B 251 8.34 -15.11 -22.46
C LEU B 251 7.75 -14.83 -21.08
N MET B 252 6.44 -14.67 -20.98
CA MET B 252 5.84 -14.30 -19.69
C MET B 252 6.20 -15.26 -18.54
N PRO B 253 6.19 -16.59 -18.79
CA PRO B 253 6.57 -17.45 -17.67
C PRO B 253 7.99 -17.13 -17.15
N LEU B 254 8.90 -16.79 -18.06
CA LEU B 254 10.26 -16.40 -17.67
C LEU B 254 10.29 -15.06 -16.93
N HIS B 255 9.54 -14.07 -17.44
CA HIS B 255 9.44 -12.79 -16.75
C HIS B 255 8.99 -12.99 -15.32
N ARG B 256 7.98 -13.82 -15.12
CA ARG B 256 7.45 -14.05 -13.79
C ARG B 256 8.45 -14.82 -12.91
N ALA B 257 8.99 -15.90 -13.45
CA ALA B 257 9.83 -16.78 -12.66
C ALA B 257 11.12 -16.11 -12.17
N ILE B 258 11.74 -15.29 -13.02
CA ILE B 258 12.99 -14.69 -12.58
CA ILE B 258 12.97 -14.54 -12.71
C ILE B 258 12.80 -13.66 -11.48
N PHE B 259 11.57 -13.20 -11.25
CA PHE B 259 11.26 -12.27 -10.17
C PHE B 259 10.51 -12.83 -8.98
N MET B 260 10.36 -14.16 -8.93
CA MET B 260 9.79 -14.76 -7.71
C MET B 260 10.63 -14.40 -6.50
N GLU B 261 11.95 -14.39 -6.70
CA GLU B 261 12.92 -13.87 -5.76
C GLU B 261 13.67 -12.75 -6.50
N PRO B 262 14.68 -12.12 -5.87
CA PRO B 262 15.31 -11.00 -6.58
C PRO B 262 15.73 -11.34 -8.01
N GLY B 263 15.43 -10.44 -8.93
CA GLY B 263 15.70 -10.64 -10.35
C GLY B 263 17.14 -10.97 -10.68
N VAL B 264 18.09 -10.36 -9.95
CA VAL B 264 19.50 -10.68 -10.13
C VAL B 264 19.75 -12.17 -9.94
N CYS B 265 19.18 -12.73 -8.88
CA CYS B 265 19.37 -14.12 -8.52
C CYS B 265 18.64 -15.07 -9.47
N GLY B 266 17.42 -14.71 -9.87
CA GLY B 266 16.68 -15.51 -10.84
C GLY B 266 17.41 -15.53 -12.18
N THR B 267 17.95 -14.38 -12.58
CA THR B 267 18.65 -14.26 -13.85
C THR B 267 19.93 -15.10 -13.83
N LYS B 268 20.70 -14.98 -12.75
CA LYS B 268 21.96 -15.73 -12.67
C LYS B 268 21.70 -17.24 -12.61
N TYR B 269 20.63 -17.67 -11.95
CA TYR B 269 20.23 -19.08 -12.05
C TYR B 269 19.90 -19.50 -13.48
N ALA B 270 19.07 -18.72 -14.15
CA ALA B 270 18.70 -19.06 -15.51
C ALA B 270 19.93 -19.21 -16.39
N LEU B 271 20.88 -18.28 -16.25
CA LEU B 271 22.11 -18.31 -17.04
C LEU B 271 23.06 -19.42 -16.61
N SER B 272 22.98 -19.84 -15.35
CA SER B 272 23.74 -21.02 -14.93
C SER B 272 23.26 -22.26 -15.69
N LYS B 273 21.97 -22.32 -15.98
CA LYS B 273 21.39 -23.45 -16.72
C LYS B 273 21.66 -23.41 -18.21
N THR B 274 21.51 -22.23 -18.81
CA THR B 274 21.65 -22.12 -20.26
C THR B 274 23.09 -21.98 -20.73
N ARG B 275 23.92 -21.33 -19.92
CA ARG B 275 25.26 -20.92 -20.38
C ARG B 275 26.38 -21.21 -19.37
N GLY B 276 26.04 -21.84 -18.25
CA GLY B 276 27.05 -22.20 -17.23
C GLY B 276 27.62 -21.03 -16.46
N CYS B 277 26.84 -19.94 -16.37
CA CYS B 277 27.18 -18.72 -15.62
CA CYS B 277 27.32 -18.78 -15.64
C CYS B 277 27.31 -19.03 -14.13
N ASN B 278 28.16 -18.28 -13.42
CA ASN B 278 28.29 -18.41 -11.99
C ASN B 278 27.10 -17.75 -11.29
N ARG B 279 26.55 -18.44 -10.29
CA ARG B 279 25.41 -17.92 -9.53
C ARG B 279 25.80 -16.95 -8.41
N LYS B 280 27.10 -16.78 -8.18
CA LYS B 280 27.57 -15.92 -7.10
C LYS B 280 27.02 -14.49 -7.21
N VAL B 281 26.46 -14.02 -6.10
CA VAL B 281 26.07 -12.63 -5.92
C VAL B 281 26.68 -12.13 -4.62
N ARG B 282 26.63 -10.83 -4.39
CA ARG B 282 27.14 -10.26 -3.14
C ARG B 282 26.03 -10.00 -2.14
N SER B 283 26.30 -10.34 -0.89
CA SER B 283 25.38 -10.10 0.22
C SER B 283 24.98 -8.62 0.24
N PRO B 284 23.68 -8.32 0.47
CA PRO B 284 22.63 -9.19 1.01
C PRO B 284 21.85 -10.02 -0.02
N LEU B 285 22.25 -10.00 -1.28
CA LEU B 285 21.66 -10.96 -2.20
C LEU B 285 22.25 -12.33 -1.93
N MET B 286 21.50 -13.38 -2.25
CA MET B 286 21.90 -14.76 -1.94
C MET B 286 22.20 -15.52 -3.22
N SER B 287 23.23 -16.38 -3.16
CA SER B 287 23.62 -17.20 -4.30
C SER B 287 22.79 -18.49 -4.40
N THR B 288 21.62 -18.48 -3.77
CA THR B 288 20.71 -19.62 -3.71
C THR B 288 19.29 -19.13 -3.99
N LEU B 289 18.40 -20.06 -4.31
CA LEU B 289 16.98 -19.79 -4.53
C LEU B 289 16.16 -20.92 -3.93
N GLU B 290 14.89 -20.64 -3.68
CA GLU B 290 13.95 -21.67 -3.21
C GLU B 290 13.67 -22.69 -4.30
N PRO B 291 13.32 -23.93 -3.89
CA PRO B 291 13.11 -24.97 -4.90
C PRO B 291 11.97 -24.65 -5.88
N ALA B 292 10.91 -23.99 -5.41
CA ALA B 292 9.80 -23.62 -6.30
C ALA B 292 10.23 -22.60 -7.36
N THR B 293 11.14 -21.71 -6.97
CA THR B 293 11.67 -20.72 -7.89
C THR B 293 12.49 -21.38 -8.99
N GLU B 294 13.42 -22.26 -8.59
CA GLU B 294 14.25 -22.94 -9.58
C GLU B 294 13.40 -23.79 -10.51
N ALA B 295 12.44 -24.53 -9.96
CA ALA B 295 11.52 -25.31 -10.77
C ALA B 295 10.76 -24.45 -11.79
N ALA B 296 10.29 -23.29 -11.35
CA ALA B 296 9.54 -22.40 -12.24
C ALA B 296 10.44 -21.81 -13.34
N ILE B 297 11.67 -21.46 -12.98
CA ILE B 297 12.61 -20.96 -13.97
C ILE B 297 12.95 -22.03 -15.01
N ASP B 298 13.21 -23.26 -14.53
CA ASP B 298 13.46 -24.38 -15.45
C ASP B 298 12.29 -24.58 -16.42
N ALA B 299 11.07 -24.55 -15.90
CA ALA B 299 9.86 -24.72 -16.73
C ALA B 299 9.71 -23.58 -17.74
N ALA B 300 10.05 -22.36 -17.30
CA ALA B 300 9.97 -21.19 -18.15
C ALA B 300 10.98 -21.19 -19.29
N LEU B 301 12.21 -21.64 -18.99
CA LEU B 301 13.24 -21.80 -20.02
C LEU B 301 12.81 -22.80 -21.09
N LYS B 302 12.25 -23.92 -20.65
CA LYS B 302 11.70 -24.91 -21.60
C LYS B 302 10.58 -24.33 -22.46
N HIS B 303 9.64 -23.64 -21.81
CA HIS B 303 8.52 -23.02 -22.51
C HIS B 303 8.96 -22.02 -23.59
N ALA B 304 10.03 -21.28 -23.30
CA ALA B 304 10.58 -20.29 -24.22
C ALA B 304 11.44 -20.88 -25.33
N GLY B 305 11.75 -22.17 -25.24
CA GLY B 305 12.60 -22.84 -26.24
C GLY B 305 14.09 -22.70 -25.98
N LEU B 306 14.46 -22.29 -24.76
CA LEU B 306 15.85 -22.06 -24.40
C LEU B 306 16.53 -23.29 -23.78
N MET B 307 15.74 -24.23 -23.26
CA MET B 307 16.26 -25.45 -22.64
C MET B 307 15.46 -26.69 -23.04
N MET C 15 -21.53 -12.54 -27.54
CA MET C 15 -20.25 -11.94 -28.03
C MET C 15 -19.92 -10.65 -27.30
N PHE C 16 -18.97 -10.72 -26.38
CA PHE C 16 -18.63 -9.62 -25.51
C PHE C 16 -17.25 -9.08 -25.85
N LYS C 17 -17.24 -7.94 -26.52
CA LYS C 17 -16.02 -7.32 -27.02
C LYS C 17 -16.26 -5.84 -27.26
N GLY C 18 -15.17 -5.08 -27.39
CA GLY C 18 -15.28 -3.68 -27.77
C GLY C 18 -15.57 -2.75 -26.61
N SER C 19 -16.25 -1.65 -26.91
CA SER C 19 -16.54 -0.62 -25.92
C SER C 19 -17.91 -0.86 -25.32
N ILE C 20 -17.91 -1.20 -24.03
CA ILE C 20 -19.11 -1.56 -23.32
C ILE C 20 -19.30 -0.60 -22.13
N PRO C 21 -20.17 0.41 -22.27
CA PRO C 21 -20.33 1.35 -21.15
C PRO C 21 -20.94 0.69 -19.91
N ALA C 22 -20.33 0.97 -18.76
CA ALA C 22 -20.98 0.77 -17.48
C ALA C 22 -21.88 1.99 -17.30
N LEU C 23 -23.13 1.83 -17.72
CA LEU C 23 -24.08 2.94 -17.81
C LEU C 23 -24.31 3.64 -16.49
N ILE C 24 -24.29 4.98 -16.52
CA ILE C 24 -24.83 5.73 -15.40
C ILE C 24 -26.33 5.46 -15.26
N THR C 25 -26.83 5.67 -14.04
CA THR C 25 -28.27 5.69 -13.79
C THR C 25 -28.66 7.14 -13.50
N PRO C 26 -29.28 7.82 -14.47
CA PRO C 26 -29.72 9.20 -14.20
C PRO C 26 -30.82 9.27 -13.15
N PHE C 27 -30.78 10.31 -12.33
CA PHE C 27 -31.80 10.54 -11.31
C PHE C 27 -32.49 11.87 -11.57
N THR C 28 -33.73 11.98 -11.10
CA THR C 28 -34.44 13.24 -11.11
C THR C 28 -33.90 14.14 -9.99
N ASP C 29 -34.35 15.41 -9.95
CA ASP C 29 -33.99 16.32 -8.87
C ASP C 29 -34.36 15.76 -7.48
N ASN C 30 -35.42 14.96 -7.44
CA ASN C 30 -35.92 14.35 -6.21
C ASN C 30 -35.22 13.02 -5.90
N GLY C 31 -34.28 12.63 -6.75
CA GLY C 31 -33.44 11.45 -6.51
C GLY C 31 -34.02 10.13 -6.99
N ALA C 32 -35.15 10.16 -7.69
CA ALA C 32 -35.72 8.96 -8.27
C ALA C 32 -34.99 8.57 -9.55
N VAL C 33 -34.97 7.28 -9.88
CA VAL C 33 -34.49 6.87 -11.19
C VAL C 33 -35.28 7.62 -12.27
N ASP C 34 -34.55 8.27 -13.16
CA ASP C 34 -35.17 8.96 -14.28
C ASP C 34 -35.21 8.00 -15.47
N GLU C 35 -36.34 7.30 -15.63
CA GLU C 35 -36.44 6.24 -16.63
C GLU C 35 -36.35 6.77 -18.06
N GLN C 36 -36.96 7.92 -18.32
CA GLN C 36 -36.86 8.53 -19.65
C GLN C 36 -35.42 8.95 -20.00
N ALA C 37 -34.71 9.54 -19.05
CA ALA C 37 -33.31 9.93 -19.27
C ALA C 37 -32.43 8.69 -19.47
N PHE C 38 -32.69 7.64 -18.69
CA PHE C 38 -31.94 6.40 -18.84
C PHE C 38 -32.14 5.79 -20.23
N ALA C 39 -33.39 5.71 -20.68
CA ALA C 39 -33.68 5.15 -22.01
C ALA C 39 -33.02 5.98 -23.10
N ALA C 40 -33.05 7.30 -22.96
CA ALA C 40 -32.43 8.20 -23.95
C ALA C 40 -30.91 8.00 -24.00
N HIS C 41 -30.29 7.79 -22.83
CA HIS C 41 -28.86 7.54 -22.75
C HIS C 41 -28.50 6.23 -23.45
N VAL C 42 -29.29 5.18 -23.20
CA VAL C 42 -29.06 3.88 -23.85
C VAL C 42 -29.21 3.96 -25.37
N GLU C 43 -30.27 4.61 -25.85
CA GLU C 43 -30.48 4.78 -27.28
CA GLU C 43 -30.49 4.80 -27.29
C GLU C 43 -29.29 5.48 -27.93
N TRP C 44 -28.80 6.54 -27.27
CA TRP C 44 -27.68 7.32 -27.80
C TRP C 44 -26.38 6.50 -27.80
N GLN C 45 -26.14 5.76 -26.72
CA GLN C 45 -25.00 4.85 -26.66
C GLN C 45 -24.98 3.86 -27.83
N ILE C 46 -26.11 3.21 -28.10
CA ILE C 46 -26.21 2.29 -29.22
C ILE C 46 -25.98 3.02 -30.55
N ALA C 47 -26.59 4.19 -30.72
CA ALA C 47 -26.43 4.96 -31.95
C ALA C 47 -24.98 5.38 -32.23
N GLU C 48 -24.23 5.64 -31.15
CA GLU C 48 -22.86 6.11 -31.27
C GLU C 48 -21.81 5.01 -31.35
N GLY C 49 -22.25 3.76 -31.30
CA GLY C 49 -21.37 2.63 -31.57
C GLY C 49 -20.98 1.75 -30.40
N SER C 50 -21.57 1.95 -29.23
CA SER C 50 -21.27 1.07 -28.10
C SER C 50 -21.66 -0.38 -28.42
N ASN C 51 -20.79 -1.30 -28.03
CA ASN C 51 -20.88 -2.69 -28.46
C ASN C 51 -21.60 -3.62 -27.49
N GLY C 52 -22.02 -3.06 -26.36
CA GLY C 52 -22.72 -3.82 -25.32
C GLY C 52 -23.06 -2.83 -24.23
N LEU C 53 -23.81 -3.28 -23.23
CA LEU C 53 -24.29 -2.40 -22.18
C LEU C 53 -24.22 -3.07 -20.83
N VAL C 54 -23.70 -2.37 -19.83
CA VAL C 54 -23.74 -2.86 -18.45
C VAL C 54 -24.61 -1.92 -17.61
N PRO C 55 -25.88 -2.30 -17.39
CA PRO C 55 -26.71 -1.54 -16.46
C PRO C 55 -26.41 -1.95 -15.04
N VAL C 56 -26.49 -0.97 -14.13
N VAL C 56 -26.52 -0.99 -14.12
CA VAL C 56 -26.32 -1.15 -12.69
CA VAL C 56 -26.34 -1.21 -12.68
C VAL C 56 -25.06 -1.88 -12.27
C VAL C 56 -25.04 -1.91 -12.28
N GLY C 57 -23.94 -1.46 -12.87
CA GLY C 57 -22.62 -1.75 -12.34
C GLY C 57 -22.32 -0.68 -11.31
N THR C 58 -21.06 -0.55 -10.94
CA THR C 58 -20.66 0.47 -9.96
C THR C 58 -21.00 1.87 -10.44
N THR C 59 -20.70 2.12 -11.72
CA THR C 59 -20.94 3.42 -12.33
C THR C 59 -22.44 3.73 -12.44
N GLY C 60 -23.26 2.67 -12.41
CA GLY C 60 -24.73 2.82 -12.39
C GLY C 60 -25.28 3.03 -10.99
N GLU C 61 -24.38 3.25 -10.02
CA GLU C 61 -24.76 3.46 -8.61
C GLU C 61 -25.53 2.28 -8.01
N SER C 62 -25.12 1.08 -8.39
CA SER C 62 -25.67 -0.13 -7.76
C SER C 62 -25.72 -0.07 -6.21
N PRO C 63 -24.69 0.52 -5.56
CA PRO C 63 -24.73 0.55 -4.08
C PRO C 63 -25.93 1.31 -3.48
N THR C 64 -26.46 2.28 -4.21
CA THR C 64 -27.51 3.12 -3.63
C THR C 64 -28.89 2.88 -4.23
N LEU C 65 -28.99 1.85 -5.08
CA LEU C 65 -30.29 1.40 -5.58
C LEU C 65 -30.81 0.27 -4.71
N SER C 66 -32.11 0.28 -4.47
CA SER C 66 -32.75 -0.89 -3.85
C SER C 66 -32.79 -2.06 -4.82
N HIS C 67 -33.15 -3.25 -4.32
CA HIS C 67 -33.33 -4.40 -5.19
C HIS C 67 -34.35 -4.12 -6.27
N ASP C 68 -35.46 -3.48 -5.90
CA ASP C 68 -36.51 -3.21 -6.86
C ASP C 68 -36.03 -2.27 -7.97
N GLU C 69 -35.28 -1.24 -7.58
CA GLU C 69 -34.76 -0.28 -8.56
C GLU C 69 -33.73 -0.91 -9.46
N HIS C 70 -32.83 -1.70 -8.86
CA HIS C 70 -31.83 -2.46 -9.61
C HIS C 70 -32.50 -3.30 -10.69
N LYS C 71 -33.52 -4.05 -10.29
CA LYS C 71 -34.23 -4.92 -11.20
C LYS C 71 -34.94 -4.15 -12.32
N ARG C 72 -35.57 -3.03 -11.96
CA ARG C 72 -36.25 -2.18 -12.93
CA ARG C 72 -36.25 -2.16 -12.92
C ARG C 72 -35.29 -1.60 -13.99
N VAL C 73 -34.13 -1.13 -13.55
CA VAL C 73 -33.14 -0.57 -14.48
C VAL C 73 -32.62 -1.64 -15.43
N VAL C 74 -32.36 -2.85 -14.92
CA VAL C 74 -31.96 -3.97 -15.78
C VAL C 74 -33.04 -4.26 -16.85
N GLU C 75 -34.29 -4.33 -16.41
CA GLU C 75 -35.41 -4.58 -17.33
C GLU C 75 -35.53 -3.49 -18.39
N LEU C 76 -35.41 -2.22 -17.96
CA LEU C 76 -35.48 -1.10 -18.87
C LEU C 76 -34.35 -1.13 -19.90
N CYS C 77 -33.15 -1.46 -19.45
CA CYS C 77 -32.00 -1.59 -20.35
C CYS C 77 -32.23 -2.67 -21.42
N ILE C 78 -32.72 -3.84 -20.98
CA ILE C 78 -33.02 -4.94 -21.90
C ILE C 78 -34.08 -4.52 -22.92
N GLU C 79 -35.12 -3.84 -22.45
CA GLU C 79 -36.21 -3.40 -23.32
C GLU C 79 -35.73 -2.41 -24.39
N VAL C 80 -34.98 -1.41 -23.95
CA VAL C 80 -34.49 -0.39 -24.87
C VAL C 80 -33.48 -0.96 -25.88
N ALA C 81 -32.58 -1.82 -25.40
CA ALA C 81 -31.58 -2.43 -26.27
C ALA C 81 -32.22 -3.25 -27.39
N ALA C 82 -33.32 -3.93 -27.06
CA ALA C 82 -34.10 -4.71 -28.04
C ALA C 82 -33.21 -5.66 -28.85
N LYS C 83 -32.32 -6.35 -28.14
CA LYS C 83 -31.41 -7.36 -28.70
C LYS C 83 -30.38 -6.84 -29.71
N ARG C 84 -30.22 -5.52 -29.80
CA ARG C 84 -29.28 -4.91 -30.76
C ARG C 84 -27.82 -5.09 -30.36
N VAL C 85 -27.56 -5.01 -29.06
CA VAL C 85 -26.24 -5.28 -28.48
C VAL C 85 -26.44 -6.10 -27.20
N PRO C 86 -25.42 -6.85 -26.76
CA PRO C 86 -25.60 -7.64 -25.53
C PRO C 86 -25.75 -6.78 -24.28
N VAL C 87 -26.63 -7.23 -23.39
CA VAL C 87 -26.83 -6.60 -22.08
C VAL C 87 -26.18 -7.50 -21.02
N ILE C 88 -25.15 -6.97 -20.37
CA ILE C 88 -24.41 -7.69 -19.33
C ILE C 88 -24.83 -7.03 -18.02
N ALA C 89 -25.76 -7.66 -17.29
CA ALA C 89 -26.38 -7.03 -16.14
C ALA C 89 -25.51 -7.09 -14.91
N GLY C 90 -25.37 -5.96 -14.21
CA GLY C 90 -24.76 -6.00 -12.87
C GLY C 90 -25.55 -6.90 -11.93
N ALA C 91 -24.86 -7.80 -11.25
CA ALA C 91 -25.52 -8.66 -10.25
C ALA C 91 -24.63 -8.84 -9.03
N GLY C 92 -23.93 -7.77 -8.66
CA GLY C 92 -22.92 -7.83 -7.60
C GLY C 92 -23.45 -7.69 -6.19
N SER C 93 -22.86 -8.44 -5.28
CA SER C 93 -23.09 -8.26 -3.85
C SER C 93 -21.97 -8.94 -3.08
N ASN C 94 -21.75 -8.50 -1.84
CA ASN C 94 -20.83 -9.22 -0.95
C ASN C 94 -21.54 -10.33 -0.15
N ASN C 95 -22.83 -10.50 -0.43
CA ASN C 95 -23.68 -11.53 0.16
C ASN C 95 -24.03 -12.49 -0.98
N THR C 96 -23.55 -13.73 -0.91
CA THR C 96 -23.74 -14.68 -2.01
C THR C 96 -25.22 -14.89 -2.35
N ASP C 97 -26.07 -14.96 -1.32
CA ASP C 97 -27.51 -15.13 -1.55
C ASP C 97 -28.11 -13.97 -2.33
N GLU C 98 -27.66 -12.75 -2.01
CA GLU C 98 -28.14 -11.56 -2.72
C GLU C 98 -27.66 -11.54 -4.17
N ALA C 99 -26.41 -11.94 -4.41
CA ALA C 99 -25.89 -12.00 -5.77
C ALA C 99 -26.71 -13.01 -6.59
N ILE C 100 -27.04 -14.14 -5.98
CA ILE C 100 -27.87 -15.15 -6.67
C ILE C 100 -29.25 -14.58 -7.02
N GLU C 101 -29.87 -13.85 -6.10
CA GLU C 101 -31.18 -13.23 -6.34
C GLU C 101 -31.12 -12.26 -7.52
N LEU C 102 -30.12 -11.38 -7.52
CA LEU C 102 -29.95 -10.44 -8.63
C LEU C 102 -29.66 -11.16 -9.95
N ALA C 103 -28.85 -12.22 -9.89
CA ALA C 103 -28.51 -13.01 -11.08
C ALA C 103 -29.74 -13.67 -11.69
N LEU C 104 -30.55 -14.29 -10.84
CA LEU C 104 -31.75 -14.99 -11.29
C LEU C 104 -32.73 -14.03 -11.92
N HIS C 105 -32.89 -12.86 -11.30
CA HIS C 105 -33.76 -11.86 -11.90
C HIS C 105 -33.27 -11.46 -13.29
N ALA C 106 -31.98 -11.13 -13.41
CA ALA C 106 -31.43 -10.68 -14.69
C ALA C 106 -31.61 -11.75 -15.77
N GLN C 107 -31.39 -13.01 -15.41
CA GLN C 107 -31.57 -14.11 -16.35
C GLN C 107 -33.02 -14.19 -16.83
N ASP C 108 -33.96 -14.11 -15.89
CA ASP C 108 -35.38 -14.19 -16.24
C ASP C 108 -35.85 -12.98 -17.06
N ALA C 109 -35.27 -11.82 -16.79
CA ALA C 109 -35.60 -10.57 -17.50
C ALA C 109 -35.09 -10.54 -18.94
N GLY C 110 -34.13 -11.41 -19.24
CA GLY C 110 -33.60 -11.53 -20.59
C GLY C 110 -32.22 -10.97 -20.80
N ALA C 111 -31.45 -10.78 -19.73
CA ALA C 111 -30.05 -10.38 -19.88
C ALA C 111 -29.24 -11.43 -20.66
N ASP C 112 -28.18 -10.99 -21.33
CA ASP C 112 -27.33 -11.88 -22.08
C ASP C 112 -26.17 -12.42 -21.27
N ALA C 113 -25.81 -11.71 -20.21
CA ALA C 113 -24.73 -12.14 -19.33
C ALA C 113 -24.84 -11.39 -18.01
N LEU C 114 -23.96 -11.74 -17.08
CA LEU C 114 -23.93 -11.13 -15.73
C LEU C 114 -22.55 -10.61 -15.42
N LEU C 115 -22.50 -9.45 -14.78
CA LEU C 115 -21.25 -8.92 -14.23
C LEU C 115 -21.29 -9.07 -12.72
N VAL C 116 -20.37 -9.85 -12.16
CA VAL C 116 -20.43 -10.23 -10.75
C VAL C 116 -19.14 -9.83 -10.02
N VAL C 117 -19.24 -8.83 -9.16
CA VAL C 117 -18.09 -8.28 -8.44
C VAL C 117 -17.57 -9.24 -7.36
N THR C 118 -16.28 -9.18 -7.11
CA THR C 118 -15.73 -9.86 -5.93
C THR C 118 -16.35 -9.24 -4.68
N PRO C 119 -16.74 -10.07 -3.70
CA PRO C 119 -17.26 -9.51 -2.45
C PRO C 119 -16.32 -8.50 -1.80
N TYR C 120 -16.91 -7.34 -1.50
CA TYR C 120 -16.23 -6.21 -0.87
C TYR C 120 -16.55 -6.18 0.63
N TYR C 121 -15.72 -5.46 1.38
CA TYR C 121 -15.92 -5.19 2.81
CA TYR C 121 -15.90 -5.20 2.81
C TYR C 121 -15.67 -6.40 3.74
N ASN C 122 -16.29 -7.54 3.44
CA ASN C 122 -16.14 -8.70 4.33
C ASN C 122 -14.88 -9.55 4.17
N LYS C 123 -14.12 -9.26 3.11
CA LYS C 123 -12.78 -9.82 2.91
C LYS C 123 -12.68 -11.35 3.03
N PRO C 124 -13.37 -12.06 2.13
CA PRO C 124 -13.24 -13.52 2.11
C PRO C 124 -11.86 -13.97 1.64
N THR C 125 -11.56 -15.25 1.90
CA THR C 125 -10.34 -15.88 1.42
C THR C 125 -10.50 -16.24 -0.05
N GLN C 126 -9.42 -16.73 -0.66
CA GLN C 126 -9.51 -17.25 -2.03
C GLN C 126 -10.53 -18.37 -2.13
N LYS C 127 -10.58 -19.25 -1.12
CA LYS C 127 -11.57 -20.32 -1.10
C LYS C 127 -13.00 -19.78 -0.98
N GLY C 128 -13.17 -18.71 -0.21
CA GLY C 128 -14.45 -18.02 -0.15
C GLY C 128 -14.86 -17.40 -1.47
N LEU C 129 -13.91 -16.79 -2.19
CA LEU C 129 -14.18 -16.29 -3.53
C LEU C 129 -14.61 -17.41 -4.47
N PHE C 130 -13.89 -18.53 -4.43
CA PHE C 130 -14.26 -19.67 -5.23
C PHE C 130 -15.69 -20.12 -4.91
N ALA C 131 -16.02 -20.26 -3.62
CA ALA C 131 -17.36 -20.67 -3.21
C ALA C 131 -18.44 -19.70 -3.69
N HIS C 132 -18.19 -18.41 -3.58
CA HIS C 132 -19.14 -17.38 -3.98
C HIS C 132 -19.46 -17.47 -5.46
N PHE C 133 -18.42 -17.46 -6.29
CA PHE C 133 -18.61 -17.48 -7.73
C PHE C 133 -19.14 -18.82 -8.23
N SER C 134 -18.74 -19.90 -7.56
CA SER C 134 -19.27 -21.22 -7.89
CA SER C 134 -19.28 -21.22 -7.87
C SER C 134 -20.78 -21.29 -7.63
N ALA C 135 -21.21 -20.73 -6.50
CA ALA C 135 -22.63 -20.72 -6.15
C ALA C 135 -23.45 -19.92 -7.16
N VAL C 136 -22.93 -18.76 -7.58
CA VAL C 136 -23.63 -17.94 -8.57
C VAL C 136 -23.69 -18.69 -9.90
N ALA C 137 -22.56 -19.26 -10.34
CA ALA C 137 -22.49 -19.97 -11.62
C ALA C 137 -23.42 -21.18 -11.65
N GLU C 138 -23.55 -21.86 -10.51
CA GLU C 138 -24.42 -23.06 -10.44
C GLU C 138 -25.90 -22.71 -10.48
N ALA C 139 -26.25 -21.50 -10.02
CA ALA C 139 -27.62 -21.04 -9.92
C ALA C 139 -28.22 -20.56 -11.24
N VAL C 140 -27.37 -20.14 -12.18
CA VAL C 140 -27.85 -19.60 -13.47
C VAL C 140 -27.20 -20.30 -14.66
N LYS C 141 -27.81 -20.17 -15.83
CA LYS C 141 -27.20 -20.69 -17.04
C LYS C 141 -26.48 -19.62 -17.85
N LEU C 142 -26.71 -18.35 -17.51
CA LEU C 142 -26.08 -17.23 -18.23
C LEU C 142 -24.57 -17.22 -18.07
N PRO C 143 -23.86 -16.68 -19.08
CA PRO C 143 -22.43 -16.42 -18.92
C PRO C 143 -22.18 -15.36 -17.85
N ILE C 144 -21.09 -15.57 -17.11
CA ILE C 144 -20.68 -14.70 -16.03
C ILE C 144 -19.32 -14.09 -16.31
N VAL C 145 -19.25 -12.77 -16.11
CA VAL C 145 -18.01 -12.01 -16.15
C VAL C 145 -17.66 -11.67 -14.70
N ILE C 146 -16.52 -12.17 -14.24
CA ILE C 146 -15.98 -11.86 -12.91
C ILE C 146 -15.46 -10.42 -12.91
N TYR C 147 -15.83 -9.65 -11.90
N TYR C 147 -15.91 -9.62 -11.94
CA TYR C 147 -15.44 -8.25 -11.80
CA TYR C 147 -15.41 -8.24 -11.79
C TYR C 147 -14.43 -8.09 -10.66
C TYR C 147 -14.42 -8.25 -10.64
N ASN C 148 -13.15 -8.21 -11.00
CA ASN C 148 -12.06 -8.22 -10.02
C ASN C 148 -11.52 -6.82 -9.83
N ILE C 149 -11.83 -6.21 -8.69
CA ILE C 149 -11.51 -4.82 -8.45
C ILE C 149 -10.94 -4.61 -7.02
N PRO C 150 -9.67 -4.98 -6.83
CA PRO C 150 -9.06 -4.79 -5.51
C PRO C 150 -9.11 -3.33 -4.97
N PRO C 151 -9.00 -2.29 -5.82
CA PRO C 151 -9.14 -0.92 -5.30
C PRO C 151 -10.46 -0.62 -4.56
N ARG C 152 -11.50 -1.41 -4.82
CA ARG C 152 -12.79 -1.26 -4.10
C ARG C 152 -13.08 -2.40 -3.13
N SER C 153 -12.76 -3.62 -3.54
CA SER C 153 -13.08 -4.80 -2.73
C SER C 153 -12.00 -5.24 -1.76
N VAL C 154 -10.80 -4.69 -1.92
CA VAL C 154 -9.59 -5.01 -1.12
C VAL C 154 -9.02 -6.39 -1.46
N VAL C 155 -9.86 -7.43 -1.35
CA VAL C 155 -9.45 -8.75 -1.82
C VAL C 155 -9.20 -8.72 -3.32
N ASP C 156 -8.44 -9.71 -3.79
CA ASP C 156 -7.95 -9.76 -5.14
C ASP C 156 -8.01 -11.22 -5.58
N MET C 157 -8.90 -11.53 -6.52
CA MET C 157 -8.93 -12.90 -7.03
C MET C 157 -7.66 -13.22 -7.80
N SER C 158 -6.92 -14.23 -7.34
CA SER C 158 -5.68 -14.62 -8.01
C SER C 158 -5.94 -15.29 -9.36
N PRO C 159 -4.94 -15.27 -10.25
CA PRO C 159 -5.12 -15.98 -11.52
C PRO C 159 -5.38 -17.48 -11.29
N GLU C 160 -4.82 -18.02 -10.21
CA GLU C 160 -5.01 -19.44 -9.90
C GLU C 160 -6.48 -19.71 -9.50
N THR C 161 -7.06 -18.87 -8.66
CA THR C 161 -8.45 -18.99 -8.30
C THR C 161 -9.36 -18.81 -9.51
N MET C 162 -9.04 -17.80 -10.33
CA MET C 162 -9.82 -17.53 -11.54
C MET C 162 -9.79 -18.74 -12.48
N GLY C 163 -8.60 -19.31 -12.68
CA GLY C 163 -8.43 -20.49 -13.52
C GLY C 163 -9.21 -21.69 -13.01
N ALA C 164 -9.23 -21.86 -11.69
CA ALA C 164 -10.01 -22.95 -11.08
C ALA C 164 -11.51 -22.78 -11.34
N LEU C 165 -12.00 -21.55 -11.24
CA LEU C 165 -13.40 -21.25 -11.55
C LEU C 165 -13.76 -21.53 -13.01
N VAL C 166 -12.87 -21.14 -13.92
CA VAL C 166 -13.06 -21.36 -15.35
C VAL C 166 -13.12 -22.87 -15.65
N LYS C 167 -12.22 -23.64 -15.03
CA LYS C 167 -12.21 -25.10 -15.19
C LYS C 167 -13.50 -25.75 -14.65
N ALA C 168 -13.98 -25.26 -13.51
CA ALA C 168 -15.13 -25.86 -12.83
C ALA C 168 -16.50 -25.49 -13.41
N HIS C 169 -16.59 -24.34 -14.09
CA HIS C 169 -17.87 -23.81 -14.55
C HIS C 169 -17.78 -23.28 -15.96
N LYS C 170 -18.44 -23.95 -16.89
CA LYS C 170 -18.38 -23.55 -18.29
C LYS C 170 -18.94 -22.15 -18.53
N ASN C 171 -19.86 -21.71 -17.66
CA ASN C 171 -20.47 -20.38 -17.80
C ASN C 171 -19.70 -19.24 -17.14
N ILE C 172 -18.54 -19.52 -16.56
CA ILE C 172 -17.62 -18.46 -16.14
C ILE C 172 -16.73 -18.19 -17.35
N VAL C 173 -17.01 -17.09 -18.04
CA VAL C 173 -16.46 -16.88 -19.39
C VAL C 173 -15.48 -15.72 -19.53
N GLY C 174 -15.42 -14.85 -18.53
CA GLY C 174 -14.60 -13.66 -18.67
C GLY C 174 -14.35 -12.93 -17.38
N VAL C 175 -13.58 -11.85 -17.50
CA VAL C 175 -13.23 -11.00 -16.38
C VAL C 175 -13.29 -9.53 -16.81
N ASP C 177 -11.36 -6.73 -15.50
CA ASP C 177 -10.14 -6.71 -14.70
C ASP C 177 -9.76 -5.28 -14.36
N ALA C 178 -10.02 -4.89 -13.11
CA ALA C 178 -9.70 -3.56 -12.62
C ALA C 178 -8.52 -3.58 -11.64
N THR C 179 -7.60 -4.52 -11.82
CA THR C 179 -6.40 -4.54 -10.99
C THR C 179 -5.46 -3.40 -11.34
N GLY C 180 -5.45 -2.99 -12.61
CA GLY C 180 -4.49 -2.01 -13.10
C GLY C 180 -3.08 -2.59 -13.23
N LYS C 181 -2.98 -3.92 -13.18
CA LYS C 181 -1.70 -4.64 -13.29
C LYS C 181 -1.75 -5.44 -14.58
N LEU C 182 -1.12 -4.93 -15.64
CA LEU C 182 -1.33 -5.51 -16.96
C LEU C 182 -0.72 -6.89 -17.13
N ASP C 183 0.31 -7.18 -16.34
CA ASP C 183 0.86 -8.55 -16.28
C ASP C 183 -0.20 -9.57 -15.85
N ARG C 184 -1.24 -9.12 -15.14
CA ARG C 184 -2.31 -10.03 -14.76
CA ARG C 184 -2.33 -10.03 -14.75
C ARG C 184 -3.07 -10.57 -15.96
N VAL C 185 -3.18 -9.78 -17.02
CA VAL C 185 -3.81 -10.27 -18.26
C VAL C 185 -3.00 -11.45 -18.79
N SER C 186 -1.68 -11.29 -18.82
CA SER C 186 -0.76 -12.35 -19.23
C SER C 186 -0.90 -13.58 -18.33
N GLU C 187 -1.00 -13.37 -17.02
CA GLU C 187 -1.13 -14.50 -16.08
C GLU C 187 -2.48 -15.17 -16.24
N GLN C 188 -3.51 -14.37 -16.54
CA GLN C 188 -4.86 -14.90 -16.74
C GLN C 188 -4.96 -15.68 -18.06
N ARG C 189 -4.21 -15.28 -19.08
CA ARG C 189 -4.11 -16.09 -20.31
C ARG C 189 -3.56 -17.48 -20.02
N ILE C 190 -2.56 -17.55 -19.14
CA ILE C 190 -1.98 -18.83 -18.75
C ILE C 190 -2.96 -19.67 -17.93
N SER C 191 -3.59 -19.08 -16.91
CA SER C 191 -4.41 -19.87 -16.01
C SER C 191 -5.81 -20.17 -16.54
N CYS C 192 -6.33 -19.28 -17.39
CA CYS C 192 -7.71 -19.37 -17.85
C CYS C 192 -7.84 -19.69 -19.33
N GLY C 193 -6.73 -19.57 -20.06
CA GLY C 193 -6.74 -19.81 -21.50
C GLY C 193 -6.81 -18.55 -22.33
N LYS C 194 -6.41 -18.68 -23.59
CA LYS C 194 -6.42 -17.56 -24.52
CA LYS C 194 -6.43 -17.58 -24.55
C LYS C 194 -7.84 -17.17 -24.94
N ASP C 195 -8.79 -18.09 -24.76
CA ASP C 195 -10.19 -17.87 -25.14
CA ASP C 195 -10.19 -17.86 -25.14
C ASP C 195 -11.02 -17.20 -24.04
N PHE C 196 -10.45 -17.13 -22.84
CA PHE C 196 -11.08 -16.46 -21.72
C PHE C 196 -11.22 -14.97 -22.11
N ILE C 197 -12.42 -14.42 -21.91
CA ILE C 197 -12.72 -13.06 -22.37
C ILE C 197 -12.25 -12.04 -21.34
N GLN C 198 -11.21 -11.28 -21.68
CA GLN C 198 -10.69 -10.29 -20.75
C GLN C 198 -11.04 -8.90 -21.21
N LEU C 199 -11.72 -8.17 -20.32
CA LEU C 199 -12.19 -6.81 -20.59
C LEU C 199 -11.58 -5.87 -19.56
N SER C 200 -11.07 -4.73 -20.00
CA SER C 200 -10.46 -3.81 -19.07
C SER C 200 -11.50 -3.21 -18.14
N GLY C 201 -11.15 -3.13 -16.85
CA GLY C 201 -11.96 -2.42 -15.87
C GLY C 201 -11.46 -1.01 -15.61
N GLU C 202 -10.43 -0.59 -16.37
CA GLU C 202 -9.81 0.74 -16.24
CA GLU C 202 -9.87 0.75 -16.25
C GLU C 202 -9.78 1.39 -17.63
N ASP C 203 -10.35 2.59 -17.77
CA ASP C 203 -10.32 3.29 -19.05
C ASP C 203 -8.94 3.74 -19.48
N SER C 204 -8.14 4.22 -18.52
CA SER C 204 -6.88 4.84 -18.86
C SER C 204 -5.82 3.86 -19.34
N THR C 205 -6.02 2.57 -19.03
CA THR C 205 -5.08 1.52 -19.45
C THR C 205 -5.74 0.47 -20.35
N ALA C 206 -6.91 0.81 -20.90
CA ALA C 206 -7.58 -0.05 -21.88
C ALA C 206 -6.68 -0.34 -23.08
N LEU C 207 -5.84 0.62 -23.42
CA LEU C 207 -4.90 0.51 -24.54
C LEU C 207 -3.91 -0.64 -24.31
N GLY C 208 -3.15 -0.56 -23.22
CA GLY C 208 -2.19 -1.61 -22.87
C GLY C 208 -2.88 -2.94 -22.58
N PHE C 209 -4.07 -2.87 -22.00
CA PHE C 209 -4.84 -4.05 -21.67
C PHE C 209 -5.12 -4.91 -22.90
N ASN C 210 -5.58 -4.29 -23.98
CA ASN C 210 -5.82 -5.05 -25.20
C ASN C 210 -4.51 -5.52 -25.83
N ALA C 211 -3.44 -4.74 -25.73
CA ALA C 211 -2.14 -5.20 -26.23
C ALA C 211 -1.72 -6.52 -25.56
N HIS C 212 -2.05 -6.68 -24.28
CA HIS C 212 -1.77 -7.89 -23.54
C HIS C 212 -2.74 -9.04 -23.81
N GLY C 213 -3.78 -8.80 -24.60
CA GLY C 213 -4.72 -9.87 -24.95
C GLY C 213 -6.17 -9.58 -24.63
N GLY C 214 -6.45 -8.43 -24.02
CA GLY C 214 -7.84 -8.01 -23.83
C GLY C 214 -8.59 -7.81 -25.14
N VAL C 215 -9.92 -7.88 -25.07
CA VAL C 215 -10.75 -7.74 -26.27
C VAL C 215 -11.81 -6.65 -26.11
N GLY C 216 -11.65 -5.82 -25.08
CA GLY C 216 -12.60 -4.74 -24.87
C GLY C 216 -12.44 -4.11 -23.51
N CYS C 217 -13.40 -3.25 -23.15
CA CYS C 217 -13.35 -2.50 -21.90
C CYS C 217 -14.77 -2.23 -21.46
N ILE C 218 -15.06 -2.58 -20.20
CA ILE C 218 -16.29 -2.13 -19.57
C ILE C 218 -15.96 -0.78 -18.95
N SER C 219 -16.56 0.25 -19.55
CA SER C 219 -16.00 1.59 -19.59
C SER C 219 -16.86 2.65 -18.92
N VAL C 220 -16.20 3.51 -18.16
CA VAL C 220 -16.87 4.69 -17.60
C VAL C 220 -16.88 5.82 -18.63
N SER C 221 -15.72 6.08 -19.24
CA SER C 221 -15.57 7.14 -20.23
C SER C 221 -16.53 7.01 -21.42
N ALA C 222 -16.90 5.79 -21.79
CA ALA C 222 -17.82 5.60 -22.90
C ALA C 222 -19.18 6.28 -22.65
N ASN C 223 -19.54 6.49 -21.39
CA ASN C 223 -20.76 7.24 -21.10
C ASN C 223 -20.74 8.64 -21.69
N VAL C 224 -19.56 9.24 -21.74
CA VAL C 224 -19.35 10.62 -22.18
C VAL C 224 -18.98 10.69 -23.66
N ALA C 225 -18.10 9.79 -24.09
CA ALA C 225 -17.54 9.82 -25.45
C ALA C 225 -17.72 8.45 -26.13
N PRO C 226 -18.98 8.03 -26.35
CA PRO C 226 -19.19 6.67 -26.84
C PRO C 226 -18.62 6.42 -28.23
N ARG C 227 -18.68 7.42 -29.10
CA ARG C 227 -18.16 7.23 -30.46
C ARG C 227 -16.64 7.12 -30.46
N LEU C 228 -15.95 8.03 -29.78
CA LEU C 228 -14.50 7.96 -29.69
C LEU C 228 -14.05 6.66 -29.05
N CYS C 229 -14.71 6.25 -27.98
CA CYS C 229 -14.35 5.01 -27.29
C CYS C 229 -14.58 3.77 -28.17
N SER C 230 -15.68 3.74 -28.92
CA SER C 230 -15.96 2.63 -29.81
CA SER C 230 -15.95 2.61 -29.79
C SER C 230 -14.95 2.55 -30.95
N GLU C 231 -14.59 3.71 -31.49
CA GLU C 231 -13.61 3.73 -32.60
C GLU C 231 -12.21 3.36 -32.11
N PHE C 232 -11.87 3.78 -30.89
CA PHE C 232 -10.63 3.38 -30.22
C PHE C 232 -10.56 1.87 -30.08
N GLN C 233 -11.62 1.27 -29.56
CA GLN C 233 -11.68 -0.17 -29.45
C GLN C 233 -11.60 -0.87 -30.82
N ALA C 234 -12.27 -0.30 -31.82
CA ALA C 234 -12.23 -0.88 -33.17
C ALA C 234 -10.81 -0.89 -33.73
N ALA C 235 -10.06 0.20 -33.48
CA ALA C 235 -8.67 0.29 -33.95
C ALA C 235 -7.81 -0.83 -33.35
N MET C 236 -7.97 -1.08 -32.06
CA MET C 236 -7.22 -2.16 -31.42
C MET C 236 -7.63 -3.54 -31.92
N LEU C 237 -8.93 -3.75 -32.12
CA LEU C 237 -9.40 -5.06 -32.63
C LEU C 237 -8.83 -5.33 -34.03
N ALA C 238 -8.66 -4.26 -34.81
CA ALA C 238 -8.07 -4.34 -36.14
C ALA C 238 -6.54 -4.43 -36.11
N GLY C 239 -5.95 -4.33 -34.91
CA GLY C 239 -4.49 -4.40 -34.75
C GLY C 239 -3.75 -3.11 -35.07
N ASP C 240 -4.50 -2.03 -35.27
CA ASP C 240 -3.92 -0.73 -35.57
C ASP C 240 -3.66 0.02 -34.28
N TYR C 241 -2.59 -0.37 -33.60
CA TYR C 241 -2.21 0.26 -32.34
C TYR C 241 -1.66 1.68 -32.47
N ALA C 242 -1.11 2.03 -33.64
CA ALA C 242 -0.70 3.40 -33.89
C ALA C 242 -1.91 4.33 -33.86
N LYS C 243 -2.99 3.92 -34.53
CA LYS C 243 -4.23 4.67 -34.51
C LYS C 243 -4.82 4.68 -33.10
N ALA C 244 -4.77 3.54 -32.42
CA ALA C 244 -5.30 3.48 -31.05
C ALA C 244 -4.58 4.48 -30.14
N LEU C 245 -3.28 4.65 -30.33
CA LEU C 245 -2.52 5.64 -29.57
C LEU C 245 -3.02 7.07 -29.87
N GLU C 246 -3.39 7.35 -31.12
CA GLU C 246 -3.97 8.65 -31.47
CA GLU C 246 -3.97 8.65 -31.47
C GLU C 246 -5.29 8.87 -30.73
N TYR C 247 -6.10 7.83 -30.60
CA TYR C 247 -7.32 7.95 -29.79
C TYR C 247 -6.98 8.20 -28.32
N GLN C 248 -5.95 7.53 -27.81
CA GLN C 248 -5.50 7.76 -26.44
C GLN C 248 -5.07 9.21 -26.24
N ASP C 249 -4.39 9.79 -27.24
CA ASP C 249 -4.00 11.19 -27.15
C ASP C 249 -5.23 12.09 -27.03
N ARG C 250 -6.31 11.73 -27.70
CA ARG C 250 -7.54 12.52 -27.69
C ARG C 250 -8.36 12.32 -26.41
N LEU C 251 -8.29 11.10 -25.86
CA LEU C 251 -9.17 10.70 -24.74
C LEU C 251 -8.54 10.73 -23.35
N MET C 252 -7.22 10.61 -23.27
CA MET C 252 -6.57 10.50 -21.96
C MET C 252 -6.92 11.63 -20.99
N PRO C 253 -6.97 12.89 -21.46
CA PRO C 253 -7.35 13.93 -20.49
C PRO C 253 -8.72 13.67 -19.88
N LEU C 254 -9.65 13.15 -20.66
CA LEU C 254 -10.98 12.81 -20.15
C LEU C 254 -10.91 11.60 -19.21
N HIS C 255 -10.17 10.56 -19.58
CA HIS C 255 -10.04 9.39 -18.70
C HIS C 255 -9.55 9.81 -17.32
N ARG C 256 -8.56 10.68 -17.29
CA ARG C 256 -8.01 11.13 -16.02
C ARG C 256 -8.97 12.05 -15.27
N ALA C 257 -9.54 13.03 -15.96
CA ALA C 257 -10.34 14.07 -15.31
C ALA C 257 -11.60 13.52 -14.64
N ILE C 258 -12.26 12.57 -15.30
CA ILE C 258 -13.50 12.08 -14.71
CA ILE C 258 -13.47 11.90 -14.80
C ILE C 258 -13.26 11.26 -13.43
N PHE C 259 -12.00 10.85 -13.17
CA PHE C 259 -11.67 10.13 -11.93
C PHE C 259 -10.89 10.89 -10.88
N MET C 260 -10.77 12.21 -11.06
CA MET C 260 -10.14 13.01 -10.00
C MET C 260 -10.92 12.90 -8.70
N GLU C 261 -12.25 12.91 -8.84
CA GLU C 261 -13.19 12.58 -7.79
C GLU C 261 -13.94 11.32 -8.30
N PRO C 262 -14.95 10.80 -7.57
CA PRO C 262 -15.62 9.58 -8.05
C PRO C 262 -16.08 9.66 -9.50
N GLY C 263 -15.77 8.60 -10.26
CA GLY C 263 -16.10 8.52 -11.68
C GLY C 263 -17.56 8.77 -12.02
N VAL C 264 -18.46 8.31 -11.16
CA VAL C 264 -19.89 8.58 -11.35
C VAL C 264 -20.14 10.09 -11.44
N CYS C 265 -19.52 10.83 -10.53
CA CYS C 265 -19.73 12.27 -10.39
C CYS C 265 -19.04 13.04 -11.50
N GLY C 266 -17.83 12.61 -11.85
CA GLY C 266 -17.13 13.20 -13.00
C GLY C 266 -17.91 13.01 -14.29
N THR C 267 -18.42 11.79 -14.48
CA THR C 267 -19.19 11.44 -15.68
C THR C 267 -20.50 12.26 -15.76
N LYS C 268 -21.23 12.34 -14.65
CA LYS C 268 -22.47 13.09 -14.68
C LYS C 268 -22.23 14.60 -14.87
N TYR C 269 -21.15 15.13 -14.29
CA TYR C 269 -20.78 16.51 -14.61
C TYR C 269 -20.51 16.68 -16.11
N ALA C 270 -19.69 15.80 -16.69
CA ALA C 270 -19.39 15.89 -18.12
C ALA C 270 -20.66 15.87 -18.97
N LEU C 271 -21.58 14.97 -18.65
CA LEU C 271 -22.84 14.88 -19.39
C LEU C 271 -23.78 16.05 -19.15
N SER C 272 -23.66 16.68 -17.98
CA SER C 272 -24.42 17.92 -17.76
C SER C 272 -23.98 19.01 -18.72
N LYS C 273 -22.69 19.01 -19.06
CA LYS C 273 -22.12 20.03 -19.95
C LYS C 273 -22.41 19.73 -21.42
N THR C 274 -22.30 18.46 -21.83
CA THR C 274 -22.48 18.12 -23.25
C THR C 274 -23.93 17.90 -23.63
N ARG C 275 -24.74 17.39 -22.72
CA ARG C 275 -26.07 16.89 -23.07
C ARG C 275 -27.19 17.35 -22.14
N GLY C 276 -26.84 18.18 -21.15
CA GLY C 276 -27.82 18.70 -20.21
C GLY C 276 -28.35 17.69 -19.21
N CYS C 277 -27.59 16.60 -19.01
CA CYS C 277 -27.90 15.54 -18.04
CA CYS C 277 -28.03 15.60 -18.07
C CYS C 277 -27.95 16.10 -16.63
N ASN C 278 -28.74 15.46 -15.76
CA ASN C 278 -28.80 15.84 -14.36
C ASN C 278 -27.56 15.35 -13.61
N ARG C 279 -26.98 16.21 -12.76
CA ARG C 279 -25.81 15.85 -11.95
C ARG C 279 -26.18 15.06 -10.69
N LYS C 280 -27.47 14.91 -10.42
CA LYS C 280 -27.93 14.28 -9.19
C LYS C 280 -27.36 12.88 -9.02
N VAL C 281 -26.78 12.66 -7.84
CA VAL C 281 -26.34 11.34 -7.41
C VAL C 281 -26.92 11.10 -6.02
N ARG C 282 -26.86 9.85 -5.56
CA ARG C 282 -27.31 9.53 -4.21
C ARG C 282 -26.16 9.49 -3.20
N SER C 283 -26.42 10.07 -2.04
CA SER C 283 -25.46 10.06 -0.94
C SER C 283 -25.03 8.61 -0.64
N PRO C 284 -23.74 8.36 -0.41
CA PRO C 284 -22.68 9.30 -0.08
C PRO C 284 -21.90 9.92 -1.24
N LEU C 285 -22.32 9.66 -2.47
CA LEU C 285 -21.76 10.43 -3.59
C LEU C 285 -22.36 11.82 -3.58
N MET C 286 -21.62 12.80 -4.11
CA MET C 286 -22.04 14.20 -4.06
C MET C 286 -22.39 14.71 -5.45
N SER C 287 -23.38 15.59 -5.52
CA SER C 287 -23.81 16.17 -6.78
C SER C 287 -22.93 17.33 -7.22
N THR C 288 -21.92 17.63 -6.41
CA THR C 288 -20.97 18.72 -6.65
C THR C 288 -19.56 18.16 -6.79
N LEU C 289 -18.67 18.97 -7.36
CA LEU C 289 -17.25 18.63 -7.53
C LEU C 289 -16.42 19.84 -7.17
N GLU C 290 -15.13 19.63 -6.91
CA GLU C 290 -14.22 20.76 -6.71
C GLU C 290 -14.03 21.55 -8.00
N PRO C 291 -13.82 22.88 -7.87
CA PRO C 291 -13.55 23.68 -9.06
C PRO C 291 -12.44 23.12 -9.97
N ALA C 292 -11.32 22.68 -9.40
CA ALA C 292 -10.24 22.13 -10.24
C ALA C 292 -10.67 20.90 -11.02
N THR C 293 -11.54 20.08 -10.43
CA THR C 293 -12.06 18.90 -11.13
C THR C 293 -12.95 19.28 -12.29
N GLU C 294 -13.89 20.20 -12.05
CA GLU C 294 -14.74 20.68 -13.13
C GLU C 294 -13.91 21.31 -14.26
N ALA C 295 -12.91 22.11 -13.90
CA ALA C 295 -12.04 22.69 -14.92
C ALA C 295 -11.29 21.65 -15.73
N ALA C 296 -10.78 20.61 -15.07
CA ALA C 296 -10.07 19.57 -15.80
C ALA C 296 -11.03 18.82 -16.74
N ILE C 297 -12.26 18.56 -16.27
CA ILE C 297 -13.25 17.91 -17.14
C ILE C 297 -13.62 18.82 -18.32
N ASP C 298 -13.84 20.11 -18.07
CA ASP C 298 -14.12 21.06 -19.15
C ASP C 298 -12.98 21.04 -20.17
N ALA C 299 -11.74 21.09 -19.69
CA ALA C 299 -10.59 21.10 -20.60
C ALA C 299 -10.51 19.81 -21.40
N ALA C 300 -10.83 18.68 -20.76
CA ALA C 300 -10.80 17.38 -21.44
C ALA C 300 -11.89 17.26 -22.49
N LEU C 301 -13.08 17.78 -22.21
CA LEU C 301 -14.17 17.75 -23.19
C LEU C 301 -13.82 18.59 -24.40
N LYS C 302 -13.22 19.75 -24.17
CA LYS C 302 -12.80 20.64 -25.24
C LYS C 302 -11.73 19.94 -26.07
N HIS C 303 -10.76 19.32 -25.39
CA HIS C 303 -9.68 18.61 -26.07
C HIS C 303 -10.21 17.51 -26.98
N ALA C 304 -11.25 16.82 -26.54
CA ALA C 304 -11.83 15.70 -27.30
C ALA C 304 -12.85 16.12 -28.36
N GLY C 305 -13.09 17.42 -28.49
CA GLY C 305 -14.00 17.98 -29.47
C GLY C 305 -15.47 17.85 -29.15
N LEU C 306 -15.79 17.65 -27.86
CA LEU C 306 -17.17 17.46 -27.43
C LEU C 306 -17.80 18.77 -26.96
N MET C 307 -16.96 19.79 -26.77
CA MET C 307 -17.36 21.13 -26.34
C MET C 307 -16.44 22.15 -26.99
N ASN C 308 -16.97 23.36 -27.20
CA ASN C 308 -16.21 24.46 -27.77
C ASN C 308 -15.20 25.10 -26.80
N MET D 15 21.00 0.09 30.35
CA MET D 15 21.88 0.02 29.15
C MET D 15 21.36 0.94 28.05
N PHE D 16 20.49 0.43 27.18
CA PHE D 16 19.87 1.25 26.15
C PHE D 16 18.39 1.42 26.48
N LYS D 17 18.03 2.65 26.85
CA LYS D 17 16.68 2.95 27.30
C LYS D 17 16.38 4.44 27.13
N GLY D 18 15.10 4.78 27.20
CA GLY D 18 14.67 6.18 27.29
C GLY D 18 14.77 6.94 25.99
N SER D 19 15.07 8.23 26.09
CA SER D 19 15.10 9.12 24.94
C SER D 19 16.50 9.18 24.35
N ILE D 20 16.65 8.64 23.14
CA ILE D 20 17.93 8.51 22.48
C ILE D 20 17.88 9.26 21.15
N PRO D 21 18.38 10.51 21.10
CA PRO D 21 18.29 11.23 19.82
C PRO D 21 19.11 10.60 18.70
N ALA D 22 18.50 10.53 17.52
CA ALA D 22 19.23 10.30 16.29
C ALA D 22 19.72 11.69 15.88
N LEU D 23 20.95 11.98 16.29
CA LEU D 23 21.50 13.32 16.18
C LEU D 23 21.55 13.84 14.75
N ILE D 24 21.13 15.10 14.56
CA ILE D 24 21.43 15.78 13.30
C ILE D 24 22.94 15.97 13.16
N THR D 25 23.38 16.10 11.92
CA THR D 25 24.76 16.53 11.62
C THR D 25 24.69 17.95 11.08
N PRO D 26 25.07 18.95 11.89
CA PRO D 26 25.01 20.31 11.39
C PRO D 26 26.10 20.58 10.36
N PHE D 27 25.77 21.39 9.35
CA PHE D 27 26.72 21.80 8.32
C PHE D 27 26.90 23.30 8.37
N THR D 28 28.04 23.76 7.86
CA THR D 28 28.26 25.19 7.64
C THR D 28 27.54 25.57 6.34
N ASP D 29 27.54 26.87 6.02
CA ASP D 29 26.87 27.35 4.80
C ASP D 29 27.31 26.63 3.53
N ASN D 30 28.59 26.26 3.45
CA ASN D 30 29.15 25.55 2.29
C ASN D 30 28.91 24.05 2.26
N GLY D 31 28.26 23.52 3.28
CA GLY D 31 27.93 22.08 3.35
C GLY D 31 28.93 21.21 4.09
N ALA D 32 30.00 21.79 4.60
CA ALA D 32 30.98 21.03 5.37
C ALA D 32 30.43 20.68 6.75
N VAL D 33 30.84 19.53 7.30
CA VAL D 33 30.47 19.19 8.68
C VAL D 33 30.94 20.30 9.62
N ASP D 34 30.01 20.80 10.43
CA ASP D 34 30.32 21.81 11.44
C ASP D 34 30.60 21.09 12.75
N GLU D 35 31.88 20.85 13.03
CA GLU D 35 32.28 20.09 14.22
C GLU D 35 31.95 20.80 15.54
N GLN D 36 32.13 22.12 15.55
CA GLN D 36 31.82 22.93 16.73
CA GLN D 36 31.82 22.94 16.72
C GLN D 36 30.32 22.85 17.05
N ALA D 37 29.48 23.01 16.04
CA ALA D 37 28.02 22.94 16.24
C ALA D 37 27.57 21.53 16.66
N PHE D 38 28.18 20.50 16.08
CA PHE D 38 27.87 19.13 16.46
C PHE D 38 28.21 18.85 17.92
N ALA D 39 29.42 19.24 18.33
CA ALA D 39 29.85 19.07 19.72
C ALA D 39 28.93 19.82 20.67
N ALA D 40 28.55 21.04 20.32
CA ALA D 40 27.65 21.83 21.17
C ALA D 40 26.27 21.16 21.30
N HIS D 41 25.79 20.59 20.20
CA HIS D 41 24.50 19.89 20.18
C HIS D 41 24.54 18.66 21.08
N VAL D 42 25.61 17.88 20.99
CA VAL D 42 25.78 16.69 21.84
C VAL D 42 25.84 17.06 23.32
N GLU D 43 26.63 18.09 23.64
CA GLU D 43 26.73 18.56 25.03
C GLU D 43 25.37 18.96 25.59
N TRP D 44 24.62 19.73 24.80
CA TRP D 44 23.30 20.19 25.20
C TRP D 44 22.33 19.02 25.39
N GLN D 45 22.37 18.07 24.46
CA GLN D 45 21.53 16.87 24.56
C GLN D 45 21.76 16.13 25.86
N ILE D 46 23.04 15.93 26.22
CA ILE D 46 23.37 15.28 27.48
C ILE D 46 22.89 16.10 28.68
N ALA D 47 23.14 17.42 28.63
CA ALA D 47 22.74 18.32 29.72
C ALA D 47 21.24 18.33 29.95
N GLU D 48 20.49 18.16 28.86
CA GLU D 48 19.03 18.24 28.90
C GLU D 48 18.33 16.93 29.24
N GLY D 49 19.10 15.86 29.38
CA GLY D 49 18.57 14.59 29.86
C GLY D 49 18.48 13.44 28.87
N SER D 50 19.02 13.59 27.67
CA SER D 50 19.03 12.48 26.71
C SER D 50 19.78 11.28 27.28
N ASN D 51 19.24 10.08 27.05
CA ASN D 51 19.73 8.86 27.72
C ASN D 51 20.75 8.06 26.91
N GLY D 52 21.04 8.54 25.70
CA GLY D 52 21.94 7.87 24.78
C GLY D 52 22.04 8.72 23.53
N LEU D 53 22.92 8.34 22.61
CA LEU D 53 23.17 9.13 21.40
C LEU D 53 23.35 8.24 20.19
N VAL D 54 22.66 8.58 19.11
CA VAL D 54 22.91 7.92 17.83
C VAL D 54 23.49 8.90 16.82
N PRO D 55 24.83 8.88 16.65
CA PRO D 55 25.42 9.69 15.60
C PRO D 55 25.31 8.99 14.25
N VAL D 56 25.20 9.80 13.20
N VAL D 56 25.17 9.79 13.19
CA VAL D 56 25.11 9.34 11.80
CA VAL D 56 25.14 9.30 11.81
C VAL D 56 24.14 8.18 11.57
C VAL D 56 24.12 8.18 11.54
N GLY D 57 22.93 8.34 12.09
CA GLY D 57 21.78 7.57 11.64
C GLY D 57 21.19 8.29 10.45
N THR D 58 19.94 7.97 10.11
CA THR D 58 19.28 8.60 8.98
C THR D 58 19.16 10.11 9.20
N THR D 59 18.79 10.48 10.42
CA THR D 59 18.57 11.88 10.78
C THR D 59 19.89 12.64 10.76
N GLY D 60 20.99 11.91 10.92
CA GLY D 60 22.32 12.50 10.81
C GLY D 60 22.83 12.61 9.38
N GLU D 61 21.95 12.36 8.42
CA GLU D 61 22.29 12.44 7.00
C GLU D 61 23.42 11.51 6.59
N SER D 62 23.40 10.31 7.15
CA SER D 62 24.34 9.26 6.78
C SER D 62 24.46 9.05 5.26
N PRO D 63 23.34 9.15 4.49
CA PRO D 63 23.48 8.89 3.06
C PRO D 63 24.37 9.86 2.29
N THR D 64 24.57 11.07 2.80
CA THR D 64 25.30 12.09 2.06
C THR D 64 26.65 12.43 2.67
N LEU D 65 27.03 11.69 3.71
CA LEU D 65 28.37 11.81 4.29
C LEU D 65 29.32 10.84 3.60
N SER D 66 30.57 11.28 3.42
CA SER D 66 31.62 10.37 2.97
C SER D 66 32.00 9.42 4.10
N HIS D 67 32.78 8.40 3.80
CA HIS D 67 33.27 7.49 4.84
C HIS D 67 34.11 8.25 5.87
N ASP D 68 34.98 9.14 5.40
CA ASP D 68 35.81 9.96 6.29
C ASP D 68 34.96 10.81 7.24
N GLU D 69 33.91 11.42 6.69
CA GLU D 69 33.01 12.25 7.48
C GLU D 69 32.20 11.43 8.47
N HIS D 70 31.68 10.29 8.01
CA HIS D 70 30.94 9.35 8.85
C HIS D 70 31.79 8.98 10.06
N LYS D 71 33.01 8.54 9.79
CA LYS D 71 33.97 8.18 10.83
C LYS D 71 34.28 9.32 11.80
N ARG D 72 34.52 10.51 11.26
CA ARG D 72 34.84 11.68 12.09
C ARG D 72 33.69 12.06 13.03
N VAL D 73 32.46 12.01 12.52
CA VAL D 73 31.30 12.38 13.35
C VAL D 73 31.10 11.35 14.46
N VAL D 74 31.26 10.07 14.15
CA VAL D 74 31.21 9.02 15.16
C VAL D 74 32.27 9.27 16.25
N GLU D 75 33.51 9.52 15.82
CA GLU D 75 34.63 9.76 16.73
C GLU D 75 34.40 10.99 17.61
N LEU D 76 33.92 12.07 16.99
CA LEU D 76 33.59 13.28 17.73
C LEU D 76 32.48 13.05 18.75
N CYS D 77 31.44 12.30 18.36
CA CYS D 77 30.36 11.99 19.29
C CYS D 77 30.87 11.22 20.52
N ILE D 78 31.72 10.22 20.27
CA ILE D 78 32.32 9.42 21.34
C ILE D 78 33.16 10.28 22.28
N GLU D 79 33.96 11.19 21.69
CA GLU D 79 34.82 12.08 22.46
C GLU D 79 34.01 13.01 23.36
N VAL D 80 33.01 13.67 22.78
CA VAL D 80 32.18 14.61 23.52
C VAL D 80 31.35 13.92 24.62
N ALA D 81 30.77 12.78 24.30
CA ALA D 81 29.97 12.03 25.28
C ALA D 81 30.78 11.65 26.51
N ALA D 82 32.04 11.28 26.28
CA ALA D 82 32.98 10.92 27.37
C ALA D 82 32.37 9.90 28.34
N LYS D 83 31.76 8.86 27.76
CA LYS D 83 31.16 7.73 28.49
C LYS D 83 30.00 8.09 29.43
N ARG D 84 29.46 9.30 29.31
CA ARG D 84 28.36 9.76 30.16
C ARG D 84 27.04 9.10 29.80
N VAL D 85 26.82 8.89 28.51
CA VAL D 85 25.66 8.14 28.01
C VAL D 85 26.16 7.22 26.90
N PRO D 86 25.45 6.11 26.61
CA PRO D 86 25.91 5.23 25.54
C PRO D 86 25.86 5.87 24.16
N VAL D 87 26.86 5.56 23.34
CA VAL D 87 26.90 5.98 21.94
C VAL D 87 26.61 4.76 21.05
N ILE D 88 25.47 4.82 20.37
CA ILE D 88 25.02 3.77 19.47
C ILE D 88 25.27 4.29 18.06
N ALA D 89 26.37 3.86 17.45
CA ALA D 89 26.82 4.44 16.19
C ALA D 89 26.06 3.88 14.98
N GLY D 90 25.60 4.76 14.11
CA GLY D 90 25.06 4.33 12.83
C GLY D 90 26.12 3.58 12.04
N ALA D 91 25.77 2.39 11.55
CA ALA D 91 26.70 1.61 10.71
C ALA D 91 25.95 0.97 9.54
N GLY D 92 24.94 1.68 9.04
CA GLY D 92 24.04 1.11 8.04
C GLY D 92 24.53 1.17 6.61
N SER D 93 24.26 0.11 5.86
CA SER D 93 24.48 0.09 4.41
C SER D 93 23.66 -1.03 3.80
N ASN D 94 23.33 -0.89 2.52
CA ASN D 94 22.71 -1.99 1.78
C ASN D 94 23.76 -2.93 1.16
N ASN D 95 25.03 -2.66 1.47
CA ASN D 95 26.15 -3.48 1.04
C ASN D 95 26.74 -4.06 2.31
N THR D 96 26.64 -5.37 2.47
CA THR D 96 27.11 -6.05 3.69
C THR D 96 28.56 -5.73 4.01
N ASP D 97 29.43 -5.75 3.00
CA ASP D 97 30.84 -5.44 3.20
CA ASP D 97 30.84 -5.44 3.20
C ASP D 97 31.03 -4.03 3.77
N GLU D 98 30.25 -3.07 3.29
CA GLU D 98 30.35 -1.69 3.77
C GLU D 98 29.85 -1.55 5.21
N ALA D 99 28.75 -2.23 5.53
CA ALA D 99 28.22 -2.24 6.89
C ALA D 99 29.27 -2.80 7.85
N ILE D 100 29.96 -3.85 7.43
CA ILE D 100 31.02 -4.44 8.26
C ILE D 100 32.15 -3.43 8.49
N GLU D 101 32.57 -2.76 7.43
CA GLU D 101 33.63 -1.73 7.54
C GLU D 101 33.23 -0.61 8.51
N LEU D 102 32.01 -0.10 8.38
CA LEU D 102 31.53 0.93 9.29
C LEU D 102 31.41 0.43 10.73
N ALA D 103 30.95 -0.80 10.90
CA ALA D 103 30.81 -1.42 12.22
C ALA D 103 32.15 -1.57 12.92
N LEU D 104 33.15 -2.06 12.19
CA LEU D 104 34.49 -2.23 12.75
C LEU D 104 35.13 -0.90 13.10
N HIS D 105 34.92 0.13 12.28
CA HIS D 105 35.46 1.45 12.64
C HIS D 105 34.86 1.94 13.95
N ALA D 106 33.54 1.87 14.06
CA ALA D 106 32.83 2.32 15.25
C ALA D 106 33.31 1.58 16.50
N GLN D 107 33.49 0.26 16.37
CA GLN D 107 34.01 -0.54 17.47
C GLN D 107 35.41 -0.07 17.89
N ASP D 108 36.30 0.08 16.92
CA ASP D 108 37.67 0.54 17.16
CA ASP D 108 37.66 0.54 17.18
C ASP D 108 37.69 1.94 17.76
N ALA D 109 36.73 2.77 17.37
CA ALA D 109 36.60 4.16 17.86
C ALA D 109 36.09 4.26 19.30
N GLY D 110 35.50 3.18 19.80
CA GLY D 110 34.99 3.16 21.17
C GLY D 110 33.48 3.33 21.34
N ALA D 111 32.72 3.07 20.27
CA ALA D 111 31.27 3.10 20.38
C ALA D 111 30.78 2.00 21.32
N ASP D 112 29.61 2.21 21.91
CA ASP D 112 29.05 1.25 22.85
C ASP D 112 28.14 0.22 22.19
N ALA D 113 27.62 0.56 21.02
CA ALA D 113 26.72 -0.31 20.27
C ALA D 113 26.63 0.21 18.84
N LEU D 114 25.95 -0.57 17.99
CA LEU D 114 25.77 -0.23 16.57
C LEU D 114 24.29 -0.23 16.20
N LEU D 115 23.90 0.74 15.38
CA LEU D 115 22.58 0.77 14.79
C LEU D 115 22.71 0.37 13.32
N VAL D 116 22.11 -0.75 12.95
CA VAL D 116 22.31 -1.34 11.62
C VAL D 116 20.97 -1.47 10.88
N VAL D 117 20.80 -0.65 9.85
CA VAL D 117 19.55 -0.63 9.07
C VAL D 117 19.38 -1.87 8.19
N THR D 118 18.14 -2.29 7.98
CA THR D 118 17.86 -3.27 6.94
C THR D 118 18.29 -2.72 5.57
N PRO D 119 18.93 -3.55 4.74
CA PRO D 119 19.31 -3.09 3.41
C PRO D 119 18.14 -2.54 2.63
N TYR D 120 18.33 -1.33 2.12
CA TYR D 120 17.38 -0.59 1.30
C TYR D 120 17.75 -0.72 -0.17
N TYR D 121 16.77 -0.42 -1.03
CA TYR D 121 16.93 -0.37 -2.50
CA TYR D 121 16.90 -0.38 -2.50
C TYR D 121 17.10 -1.74 -3.18
N ASN D 122 18.04 -2.55 -2.72
CA ASN D 122 18.25 -3.87 -3.37
C ASN D 122 17.28 -5.00 -3.02
N LYS D 123 16.42 -4.77 -2.03
CA LYS D 123 15.29 -5.65 -1.67
C LYS D 123 15.66 -7.13 -1.48
N PRO D 124 16.50 -7.41 -0.48
CA PRO D 124 16.84 -8.81 -0.20
C PRO D 124 15.64 -9.59 0.35
N THR D 125 15.75 -10.92 0.31
CA THR D 125 14.78 -11.81 0.92
C THR D 125 15.00 -11.84 2.43
N GLN D 126 14.08 -12.50 3.14
CA GLN D 126 14.28 -12.74 4.58
C GLN D 126 15.60 -13.46 4.86
N LYS D 127 15.95 -14.43 4.01
CA LYS D 127 17.23 -15.12 4.15
C LYS D 127 18.42 -14.20 3.91
N GLY D 128 18.27 -13.27 2.96
CA GLY D 128 19.28 -12.25 2.73
C GLY D 128 19.43 -11.32 3.91
N LEU D 129 18.31 -10.95 4.53
CA LEU D 129 18.36 -10.15 5.76
C LEU D 129 19.11 -10.91 6.85
N PHE D 130 18.77 -12.18 7.04
CA PHE D 130 19.46 -12.99 8.03
C PHE D 130 20.96 -13.02 7.74
N ALA D 131 21.33 -13.23 6.48
CA ALA D 131 22.75 -13.33 6.11
C ALA D 131 23.50 -12.03 6.38
N HIS D 132 22.87 -10.91 6.04
CA HIS D 132 23.45 -9.59 6.25
C HIS D 132 23.74 -9.32 7.72
N PHE D 133 22.74 -9.51 8.58
CA PHE D 133 22.89 -9.21 9.99
C PHE D 133 23.80 -10.21 10.69
N SER D 134 23.74 -11.47 10.25
CA SER D 134 24.62 -12.50 10.76
CA SER D 134 24.64 -12.51 10.75
C SER D 134 26.09 -12.14 10.50
N ALA D 135 26.38 -11.70 9.28
CA ALA D 135 27.75 -11.31 8.89
C ALA D 135 28.27 -10.13 9.71
N VAL D 136 27.41 -9.13 9.93
CA VAL D 136 27.80 -7.99 10.75
C VAL D 136 28.04 -8.44 12.20
N ALA D 137 27.11 -9.24 12.73
CA ALA D 137 27.21 -9.73 14.10
C ALA D 137 28.47 -10.56 14.34
N GLU D 138 28.85 -11.37 13.37
CA GLU D 138 30.03 -12.21 13.53
CA GLU D 138 30.04 -12.22 13.47
C GLU D 138 31.33 -11.41 13.43
N ALA D 139 31.31 -10.28 12.73
CA ALA D 139 32.49 -9.44 12.54
C ALA D 139 32.87 -8.58 13.76
N VAL D 140 31.89 -8.27 14.60
CA VAL D 140 32.14 -7.37 15.73
C VAL D 140 31.74 -8.01 17.06
N LYS D 141 32.22 -7.44 18.15
CA LYS D 141 31.85 -7.89 19.49
C LYS D 141 30.77 -7.00 20.11
N LEU D 142 30.57 -5.80 19.55
CA LEU D 142 29.60 -4.84 20.07
C LEU D 142 28.16 -5.33 19.95
N PRO D 143 27.28 -4.87 20.86
CA PRO D 143 25.85 -5.10 20.69
C PRO D 143 25.29 -4.37 19.46
N ILE D 144 24.38 -5.03 18.78
CA ILE D 144 23.75 -4.53 17.56
C ILE D 144 22.26 -4.32 17.78
N VAL D 145 21.79 -3.14 17.38
CA VAL D 145 20.37 -2.81 17.30
C VAL D 145 19.96 -2.83 15.83
N ILE D 146 19.04 -3.74 15.50
CA ILE D 146 18.48 -3.85 14.15
C ILE D 146 17.54 -2.67 13.91
N TYR D 147 17.71 -2.01 12.77
N TYR D 147 17.76 -1.94 12.82
CA TYR D 147 16.91 -0.85 12.42
CA TYR D 147 16.86 -0.84 12.43
C TYR D 147 15.92 -1.25 11.31
C TYR D 147 15.94 -1.33 11.32
N ASN D 148 14.72 -1.65 11.70
CA ASN D 148 13.72 -2.16 10.77
C ASN D 148 12.78 -1.04 10.37
N ILE D 149 12.92 -0.59 9.13
CA ILE D 149 12.21 0.58 8.65
C ILE D 149 11.64 0.36 7.25
N PRO D 150 10.52 -0.37 7.15
CA PRO D 150 9.93 -0.62 5.83
C PRO D 150 9.54 0.65 5.04
N PRO D 151 9.11 1.75 5.71
CA PRO D 151 8.85 2.98 4.94
C PRO D 151 10.03 3.53 4.14
N ARG D 152 11.26 3.17 4.52
CA ARG D 152 12.45 3.56 3.75
C ARG D 152 13.10 2.40 2.99
N SER D 153 13.16 1.22 3.61
CA SER D 153 13.86 0.09 3.02
C SER D 153 12.98 -0.82 2.18
N VAL D 154 11.67 -0.62 2.26
CA VAL D 154 10.64 -1.43 1.58
C VAL D 154 10.50 -2.83 2.16
N VAL D 155 11.60 -3.57 2.20
CA VAL D 155 11.60 -4.87 2.88
C VAL D 155 11.31 -4.67 4.37
N ASP D 156 10.88 -5.75 5.02
CA ASP D 156 10.40 -5.71 6.39
C ASP D 156 10.89 -6.98 7.07
N MET D 157 11.80 -6.85 8.04
CA MET D 157 12.24 -8.03 8.77
C MET D 157 11.12 -8.58 9.65
N SER D 158 10.73 -9.82 9.40
CA SER D 158 9.64 -10.44 10.15
C SER D 158 10.07 -10.74 11.57
N PRO D 159 9.10 -10.91 12.49
CA PRO D 159 9.46 -11.30 13.86
C PRO D 159 10.17 -12.65 13.88
N GLU D 160 9.84 -13.52 12.93
CA GLU D 160 10.47 -14.84 12.83
C GLU D 160 11.95 -14.73 12.45
N THR D 161 12.25 -13.90 11.45
CA THR D 161 13.64 -13.66 11.06
C THR D 161 14.42 -12.99 12.20
N MET D 162 13.80 -12.01 12.84
CA MET D 162 14.41 -11.32 13.98
C MET D 162 14.72 -12.28 15.13
N GLY D 163 13.76 -13.14 15.44
CA GLY D 163 13.94 -14.16 16.48
C GLY D 163 15.08 -15.12 16.14
N ALA D 164 15.17 -15.52 14.87
CA ALA D 164 16.25 -16.40 14.41
C ALA D 164 17.62 -15.74 14.61
N LEU D 165 17.71 -14.44 14.33
CA LEU D 165 18.96 -13.71 14.52
C LEU D 165 19.35 -13.59 15.99
N VAL D 166 18.37 -13.33 16.85
CA VAL D 166 18.59 -13.25 18.30
C VAL D 166 19.11 -14.58 18.85
N LYS D 167 18.53 -15.68 18.38
CA LYS D 167 18.94 -17.01 18.82
C LYS D 167 20.35 -17.33 18.36
N ALA D 168 20.69 -16.92 17.13
CA ALA D 168 21.98 -17.24 16.52
C ALA D 168 23.16 -16.37 16.99
N HIS D 169 22.87 -15.16 17.45
CA HIS D 169 23.91 -14.18 17.79
C HIS D 169 23.61 -13.45 19.09
N LYS D 170 24.43 -13.70 20.10
CA LYS D 170 24.26 -13.10 21.42
C LYS D 170 24.33 -11.58 21.39
N ASN D 171 25.06 -11.05 20.41
CA ASN D 171 25.25 -9.60 20.31
C ASN D 171 24.18 -8.86 19.48
N ILE D 172 23.19 -9.60 18.98
CA ILE D 172 21.99 -8.97 18.42
C ILE D 172 21.01 -8.79 19.57
N VAL D 173 20.91 -7.54 20.04
CA VAL D 173 20.30 -7.28 21.34
C VAL D 173 19.00 -6.49 21.32
N GLY D 174 18.70 -5.86 20.18
CA GLY D 174 17.53 -5.01 20.14
C GLY D 174 17.11 -4.58 18.76
N VAL D 175 16.05 -3.79 18.73
CA VAL D 175 15.49 -3.28 17.49
C VAL D 175 15.10 -1.81 17.66
N ASP D 177 12.41 -0.03 15.94
CA ASP D 177 11.28 -0.55 15.19
C ASP D 177 10.48 0.61 14.62
N ALA D 178 10.65 0.82 13.31
CA ALA D 178 9.95 1.89 12.59
C ALA D 178 8.87 1.34 11.67
N THR D 179 8.28 0.19 12.04
CA THR D 179 7.16 -0.33 11.25
C THR D 179 5.89 0.49 11.44
N GLY D 180 5.71 1.09 12.62
CA GLY D 180 4.46 1.77 12.94
C GLY D 180 3.31 0.81 13.23
N LYS D 181 3.63 -0.47 13.40
CA LYS D 181 2.62 -1.50 13.68
C LYS D 181 2.90 -2.03 15.09
N LEU D 182 2.12 -1.54 16.06
CA LEU D 182 2.46 -1.79 17.46
C LEU D 182 2.30 -3.24 17.90
N ASP D 183 1.44 -3.98 17.19
CA ASP D 183 1.35 -5.43 17.39
C ASP D 183 2.67 -6.14 17.10
N ARG D 184 3.53 -5.54 16.28
CA ARG D 184 4.86 -6.09 16.05
CA ARG D 184 4.87 -6.08 16.05
C ARG D 184 5.70 -6.13 17.33
N VAL D 185 5.50 -5.17 18.23
CA VAL D 185 6.22 -5.20 19.53
C VAL D 185 5.79 -6.46 20.28
N SER D 186 4.50 -6.74 20.28
CA SER D 186 3.96 -7.93 20.94
C SER D 186 4.49 -9.22 20.28
N GLU D 187 4.55 -9.22 18.96
CA GLU D 187 5.07 -10.38 18.22
C GLU D 187 6.57 -10.58 18.47
N GLN D 188 7.30 -9.48 18.53
CA GLN D 188 8.74 -9.52 18.79
C GLN D 188 9.05 -9.96 20.23
N ARG D 189 8.18 -9.62 21.18
CA ARG D 189 8.29 -10.15 22.55
C ARG D 189 8.22 -11.68 22.58
N ILE D 190 7.33 -12.23 21.76
CA ILE D 190 7.19 -13.68 21.65
C ILE D 190 8.41 -14.30 20.96
N SER D 191 8.81 -13.75 19.81
CA SER D 191 9.85 -14.39 19.00
C SER D 191 11.26 -14.13 19.51
N CYS D 192 11.47 -12.97 20.14
CA CYS D 192 12.80 -12.56 20.59
C CYS D 192 12.97 -12.55 22.11
N GLY D 193 11.88 -12.66 22.86
CA GLY D 193 11.93 -12.64 24.31
C GLY D 193 11.62 -11.29 24.91
N LYS D 194 11.21 -11.31 26.18
CA LYS D 194 10.90 -10.09 26.93
CA LYS D 194 10.90 -10.09 26.93
C LYS D 194 12.15 -9.23 27.21
N ASP D 195 13.33 -9.84 27.14
CA ASP D 195 14.57 -9.11 27.41
CA ASP D 195 14.59 -9.12 27.40
C ASP D 195 15.19 -8.47 26.15
N PHE D 196 14.63 -8.78 24.99
CA PHE D 196 15.02 -8.12 23.74
C PHE D 196 14.70 -6.63 23.88
N ILE D 197 15.66 -5.77 23.51
CA ILE D 197 15.52 -4.33 23.75
C ILE D 197 14.78 -3.70 22.58
N GLN D 198 13.55 -3.28 22.81
CA GLN D 198 12.73 -2.70 21.74
C GLN D 198 12.63 -1.20 21.93
N LEU D 199 13.08 -0.47 20.92
CA LEU D 199 13.07 1.00 20.93
C LEU D 199 12.24 1.49 19.76
N SER D 200 11.37 2.45 20.01
CA SER D 200 10.52 2.98 18.94
C SER D 200 11.37 3.70 17.91
N GLY D 201 11.05 3.46 16.65
CA GLY D 201 11.63 4.21 15.55
C GLY D 201 10.70 5.30 15.04
N GLU D 202 9.61 5.53 15.76
CA GLU D 202 8.65 6.59 15.42
C GLU D 202 8.33 7.41 16.67
N ASP D 203 8.56 8.72 16.60
CA ASP D 203 8.24 9.59 17.72
C ASP D 203 6.77 9.65 18.07
N SER D 204 5.90 9.64 17.06
CA SER D 204 4.49 9.91 17.32
C SER D 204 3.77 8.74 17.98
N THR D 205 4.38 7.55 17.94
CA THR D 205 3.80 6.34 18.55
C THR D 205 4.71 5.72 19.61
N ALA D 206 5.69 6.49 20.08
CA ALA D 206 6.58 6.06 21.16
C ALA D 206 5.78 5.73 22.44
N LEU D 207 4.67 6.43 22.63
CA LEU D 207 3.79 6.23 23.76
C LEU D 207 3.20 4.81 23.75
N GLY D 208 2.47 4.47 22.70
CA GLY D 208 1.89 3.13 22.59
C GLY D 208 2.98 2.05 22.51
N PHE D 209 4.11 2.40 21.90
CA PHE D 209 5.23 1.48 21.74
C PHE D 209 5.75 0.98 23.08
N ASN D 210 5.96 1.90 24.02
CA ASN D 210 6.36 1.48 25.35
C ASN D 210 5.25 0.74 26.11
N ALA D 211 3.99 1.11 25.90
CA ALA D 211 2.91 0.35 26.53
C ALA D 211 2.93 -1.13 26.11
N HIS D 212 3.35 -1.39 24.88
CA HIS D 212 3.45 -2.75 24.35
C HIS D 212 4.72 -3.49 24.79
N GLY D 213 5.62 -2.81 25.50
CA GLY D 213 6.84 -3.47 26.00
C GLY D 213 8.13 -2.80 25.58
N GLY D 214 8.05 -1.72 24.80
CA GLY D 214 9.23 -0.94 24.48
C GLY D 214 9.84 -0.28 25.72
N VAL D 215 11.12 0.08 25.60
CA VAL D 215 11.84 0.68 26.73
C VAL D 215 12.51 2.00 26.35
N GLY D 216 12.11 2.56 25.22
CA GLY D 216 12.68 3.82 24.78
C GLY D 216 12.37 4.10 23.33
N CYS D 217 13.01 5.13 22.80
CA CYS D 217 12.79 5.59 21.44
C CYS D 217 14.07 6.22 20.91
N ILE D 218 14.50 5.78 19.73
CA ILE D 218 15.57 6.47 18.99
C ILE D 218 14.84 7.54 18.16
N SER D 219 15.07 8.79 18.52
CA SER D 219 14.11 9.87 18.35
C SER D 219 14.62 11.00 17.48
N VAL D 220 13.75 11.48 16.59
CA VAL D 220 14.05 12.68 15.82
C VAL D 220 13.69 13.92 16.66
N SER D 221 12.50 13.91 17.25
CA SER D 221 12.02 15.07 18.01
C SER D 221 12.91 15.46 19.19
N ALA D 222 13.65 14.50 19.74
CA ALA D 222 14.55 14.78 20.86
C ALA D 222 15.64 15.77 20.49
N ASN D 223 16.00 15.84 19.20
CA ASN D 223 16.92 16.91 18.73
C ASN D 223 16.42 18.30 19.08
N VAL D 224 15.10 18.48 19.07
CA VAL D 224 14.47 19.79 19.29
C VAL D 224 14.07 20.00 20.75
N ALA D 225 13.54 18.96 21.37
CA ALA D 225 12.98 19.05 22.71
C ALA D 225 13.55 17.94 23.60
N PRO D 226 14.87 17.97 23.85
CA PRO D 226 15.46 16.86 24.60
C PRO D 226 14.94 16.71 26.03
N ARG D 227 14.72 17.82 26.75
CA ARG D 227 14.21 17.73 28.11
C ARG D 227 12.80 17.13 28.15
N LEU D 228 11.90 17.67 27.33
CA LEU D 228 10.54 17.16 27.31
C LEU D 228 10.47 15.70 26.89
N CYS D 229 11.27 15.34 25.89
CA CYS D 229 11.30 13.95 25.43
C CYS D 229 11.86 13.01 26.49
N SER D 230 12.90 13.44 27.19
CA SER D 230 13.47 12.67 28.28
C SER D 230 12.46 12.47 29.43
N GLU D 231 11.72 13.53 29.76
CA GLU D 231 10.72 13.47 30.83
C GLU D 231 9.53 12.58 30.45
N PHE D 232 9.16 12.64 29.18
CA PHE D 232 8.11 11.78 28.60
C PHE D 232 8.49 10.30 28.74
N GLN D 233 9.70 9.96 28.32
CA GLN D 233 10.20 8.60 28.46
C GLN D 233 10.29 8.18 29.93
N ALA D 234 10.78 9.09 30.78
CA ALA D 234 10.90 8.78 32.20
C ALA D 234 9.54 8.46 32.82
N ALA D 235 8.52 9.22 32.44
CA ALA D 235 7.14 8.95 32.90
C ALA D 235 6.73 7.50 32.57
N MET D 236 6.99 7.07 31.34
CA MET D 236 6.65 5.71 30.91
C MET D 236 7.49 4.66 31.66
N LEU D 237 8.78 4.93 31.85
CA LEU D 237 9.65 3.98 32.53
C LEU D 237 9.24 3.83 34.00
N ALA D 238 8.62 4.88 34.54
CA ALA D 238 8.09 4.90 35.91
C ALA D 238 6.68 4.31 35.99
N GLY D 239 6.09 3.98 34.85
CA GLY D 239 4.74 3.44 34.79
C GLY D 239 3.63 4.50 34.86
N ASP D 240 4.01 5.77 34.80
CA ASP D 240 3.04 6.85 34.89
C ASP D 240 2.55 7.24 33.50
N TYR D 241 1.65 6.42 32.97
CA TYR D 241 1.15 6.64 31.61
C TYR D 241 0.21 7.82 31.49
N ALA D 242 -0.43 8.21 32.59
CA ALA D 242 -1.25 9.42 32.58
C ALA D 242 -0.38 10.65 32.36
N LYS D 243 0.76 10.70 33.05
CA LYS D 243 1.72 11.78 32.83
C LYS D 243 2.30 11.74 31.42
N ALA D 244 2.63 10.54 30.93
CA ALA D 244 3.17 10.38 29.59
C ALA D 244 2.19 10.93 28.56
N LEU D 245 0.89 10.71 28.76
CA LEU D 245 -0.12 11.24 27.86
C LEU D 245 -0.15 12.78 27.88
N GLU D 246 0.08 13.38 29.05
CA GLU D 246 0.19 14.84 29.15
CA GLU D 246 0.16 14.84 29.12
C GLU D 246 1.34 15.37 28.29
N TYR D 247 2.47 14.65 28.31
CA TYR D 247 3.59 15.00 27.42
C TYR D 247 3.24 14.80 25.96
N GLN D 248 2.49 13.74 25.64
CA GLN D 248 2.06 13.52 24.26
C GLN D 248 1.17 14.67 23.78
N ASP D 249 0.29 15.16 24.65
CA ASP D 249 -0.54 16.32 24.32
C ASP D 249 0.34 17.54 23.99
N ARG D 250 1.42 17.71 24.75
CA ARG D 250 2.34 18.82 24.54
C ARG D 250 3.19 18.68 23.29
N LEU D 251 3.57 17.46 22.95
CA LEU D 251 4.57 17.20 21.91
C LEU D 251 4.03 16.75 20.55
N MET D 252 2.82 16.20 20.52
CA MET D 252 2.29 15.61 19.28
C MET D 252 2.30 16.60 18.10
N PRO D 253 1.88 17.86 18.32
CA PRO D 253 1.92 18.78 17.19
C PRO D 253 3.31 18.89 16.58
N LEU D 254 4.33 18.86 17.44
CA LEU D 254 5.71 18.91 16.97
C LEU D 254 6.12 17.63 16.26
N HIS D 255 5.77 16.47 16.83
CA HIS D 255 6.05 15.21 16.15
C HIS D 255 5.48 15.21 14.74
N ARG D 256 4.24 15.69 14.60
CA ARG D 256 3.61 15.70 13.30
C ARG D 256 4.26 16.72 12.36
N ALA D 257 4.50 17.93 12.87
CA ALA D 257 4.96 19.02 12.02
C ALA D 257 6.36 18.79 11.47
N ILE D 258 7.25 18.20 12.28
CA ILE D 258 8.61 18.01 11.78
CA ILE D 258 8.63 17.87 11.90
C ILE D 258 8.68 16.96 10.68
N PHE D 259 7.64 16.14 10.53
CA PHE D 259 7.60 15.15 9.46
C PHE D 259 6.66 15.42 8.29
N MET D 260 6.10 16.63 8.21
CA MET D 260 5.33 16.98 7.01
C MET D 260 6.20 16.88 5.76
N GLU D 261 7.44 17.31 5.91
CA GLU D 261 8.48 17.12 4.91
C GLU D 261 9.57 16.28 5.61
N PRO D 262 10.73 16.06 4.96
CA PRO D 262 11.75 15.24 5.62
C PRO D 262 12.08 15.73 7.03
N GLY D 263 12.08 14.78 7.97
CA GLY D 263 12.35 15.05 9.38
C GLY D 263 13.64 15.82 9.62
N VAL D 264 14.68 15.54 8.84
CA VAL D 264 15.94 16.29 8.95
C VAL D 264 15.68 17.79 8.77
N CYS D 265 14.87 18.12 7.76
CA CYS D 265 14.63 19.53 7.42
C CYS D 265 13.66 20.19 8.39
N GLY D 266 12.65 19.45 8.84
CA GLY D 266 11.78 19.95 9.90
C GLY D 266 12.56 20.25 11.17
N THR D 267 13.44 19.33 11.54
CA THR D 267 14.26 19.45 12.75
C THR D 267 15.21 20.63 12.68
N LYS D 268 15.91 20.76 11.55
CA LYS D 268 16.85 21.87 11.40
C LYS D 268 16.16 23.23 11.36
N TYR D 269 14.96 23.30 10.78
CA TYR D 269 14.17 24.53 10.87
C TYR D 269 13.82 24.85 12.32
N ALA D 270 13.31 23.88 13.07
CA ALA D 270 12.95 24.13 14.47
C ALA D 270 14.15 24.64 15.27
N LEU D 271 15.29 23.99 15.06
CA LEU D 271 16.51 24.37 15.76
C LEU D 271 17.05 25.72 15.30
N SER D 272 16.80 26.09 14.04
CA SER D 272 17.20 27.43 13.58
C SER D 272 16.48 28.52 14.39
N LYS D 273 15.22 28.25 14.74
CA LYS D 273 14.41 29.17 15.52
C LYS D 273 14.81 29.19 17.00
N THR D 274 14.96 28.02 17.60
CA THR D 274 15.16 27.92 19.04
C THR D 274 16.61 28.17 19.44
N ARG D 275 17.55 27.78 18.59
CA ARG D 275 18.96 27.77 18.96
C ARG D 275 19.91 28.37 17.91
N GLY D 276 19.36 28.87 16.81
CA GLY D 276 20.17 29.52 15.76
C GLY D 276 20.99 28.56 14.91
N CYS D 277 20.55 27.31 14.86
CA CYS D 277 21.16 26.23 14.07
CA CYS D 277 21.27 26.32 14.09
C CYS D 277 21.08 26.52 12.58
N ASN D 278 22.06 26.05 11.81
CA ASN D 278 22.07 26.21 10.36
C ASN D 278 21.08 25.25 9.71
N ARG D 279 20.31 25.77 8.75
CA ARG D 279 19.35 24.93 8.02
C ARG D 279 19.96 24.11 6.89
N LYS D 280 21.26 24.30 6.63
CA LYS D 280 21.91 23.62 5.53
C LYS D 280 21.80 22.11 5.65
N VAL D 281 21.35 21.50 4.55
CA VAL D 281 21.37 20.05 4.36
C VAL D 281 21.98 19.74 3.00
N ARG D 282 22.37 18.48 2.78
CA ARG D 282 22.99 18.09 1.52
C ARG D 282 21.98 17.48 0.57
N SER D 283 22.10 17.85 -0.69
CA SER D 283 21.25 17.33 -1.76
C SER D 283 21.29 15.79 -1.75
N PRO D 284 20.13 15.12 -1.92
CA PRO D 284 18.83 15.63 -2.38
C PRO D 284 17.88 16.20 -1.33
N LEU D 285 18.32 16.33 -0.08
CA LEU D 285 17.54 17.10 0.89
C LEU D 285 17.75 18.58 0.60
N MET D 286 16.71 19.38 0.83
CA MET D 286 16.75 20.80 0.49
C MET D 286 16.76 21.64 1.76
N SER D 287 17.48 22.75 1.72
CA SER D 287 17.66 23.61 2.90
C SER D 287 16.50 24.59 3.06
N THR D 288 15.29 24.03 3.05
CA THR D 288 14.06 24.82 3.07
C THR D 288 12.89 23.91 3.38
N LEU D 289 11.73 24.54 3.59
CA LEU D 289 10.46 23.86 3.82
C LEU D 289 9.38 24.72 3.15
N GLU D 290 8.25 24.09 2.82
CA GLU D 290 7.09 24.84 2.34
C GLU D 290 6.55 25.76 3.43
N PRO D 291 5.92 26.88 3.03
CA PRO D 291 5.44 27.85 4.02
C PRO D 291 4.45 27.25 5.02
N ALA D 292 3.57 26.36 4.57
CA ALA D 292 2.64 25.70 5.48
C ALA D 292 3.34 24.79 6.49
N THR D 293 4.42 24.14 6.07
CA THR D 293 5.21 23.33 6.99
C THR D 293 5.88 24.20 8.05
N GLU D 294 6.50 25.31 7.62
CA GLU D 294 7.10 26.23 8.58
C GLU D 294 6.08 26.76 9.57
N ALA D 295 4.91 27.15 9.06
CA ALA D 295 3.85 27.66 9.93
C ALA D 295 3.40 26.61 10.96
N ALA D 296 3.30 25.35 10.53
CA ALA D 296 2.90 24.28 11.44
C ALA D 296 3.97 24.00 12.50
N ILE D 297 5.24 24.05 12.11
CA ILE D 297 6.34 23.90 13.07
C ILE D 297 6.33 25.09 14.05
N ASP D 298 6.13 26.30 13.55
CA ASP D 298 6.00 27.49 14.42
C ASP D 298 4.90 27.30 15.47
N ALA D 299 3.73 26.87 15.03
CA ALA D 299 2.61 26.67 15.96
C ALA D 299 2.91 25.55 16.95
N ALA D 300 3.59 24.50 16.49
CA ALA D 300 3.91 23.35 17.34
C ALA D 300 4.92 23.71 18.41
N LEU D 301 5.90 24.56 18.06
CA LEU D 301 6.91 25.01 19.02
C LEU D 301 6.27 25.87 20.11
N LYS D 302 5.31 26.72 19.72
CA LYS D 302 4.59 27.54 20.70
CA LYS D 302 4.58 27.53 20.69
C LYS D 302 3.76 26.66 21.62
N HIS D 303 3.08 25.67 21.04
CA HIS D 303 2.25 24.76 21.81
C HIS D 303 3.08 24.01 22.86
N ALA D 304 4.30 23.62 22.47
CA ALA D 304 5.20 22.89 23.36
C ALA D 304 5.90 23.76 24.40
N GLY D 305 5.78 25.08 24.25
CA GLY D 305 6.42 26.02 25.17
C GLY D 305 7.88 26.29 24.86
N LEU D 306 8.33 25.92 23.67
CA LEU D 306 9.72 26.12 23.25
C LEU D 306 9.94 27.46 22.56
N MET D 307 8.85 28.07 22.09
CA MET D 307 8.84 29.38 21.47
C MET D 307 7.58 30.11 21.91
N ASN D 308 7.50 31.43 21.64
CA ASN D 308 6.35 32.23 22.07
C ASN D 308 5.74 33.10 20.97
#